data_4XO7
#
_entry.id   4XO7
#
_cell.length_a   52.900
_cell.length_b   86.650
_cell.length_c   76.990
_cell.angle_alpha   90.00
_cell.angle_beta   106.25
_cell.angle_gamma   90.00
#
_symmetry.space_group_name_H-M   'P 1 21 1'
#
loop_
_entity.id
_entity.type
_entity.pdbx_description
1 polymer 'Aldo-keto reductase family 1 member C2'
2 non-polymer 'NADP NICOTINAMIDE-ADENINE-DINUCLEOTIDE PHOSPHATE'
3 non-polymer 4-ANDROSTENE-3-17-DIONE
4 non-polymer 'SULFATE ION'
5 water water
#
_entity_poly.entity_id   1
_entity_poly.type   'polypeptide(L)'
_entity_poly.pdbx_seq_one_letter_code
;MDSKYQCVKLNDGHFMPVLGFGTYAPAEVPKSKALEAVKLAIEAGFHHIDSAHVYNNEEQVGLAIRSKIADGSVKREDIF
YTSKLWSNSHRPELVRPALERSLKNLQLDYVDLYLIHFPVSVKPGEEVIPKDENGKILFDTVDLCATWEAMEKCKDAGLA
KSIGVSNFNHRLLEMILNKPGLKYKPVCNQVECHPYFNQRKLLDFCKSKDIVLVAYSALGSHREEPWVDPNSPVLLEDPV
LCALAKKHKRTPALIALRYQLQRGVVVLAKSYNEQRIRQNVQVFEFQLTSEEMKAIDGLNRNVRYLTLDIFAGPPNYPFS
DEY
;
_entity_poly.pdbx_strand_id   A,B
#
# COMPACT_ATOMS: atom_id res chain seq x y z
N ASP A 2 14.65 -0.34 -4.60
CA ASP A 2 15.51 0.18 -3.51
C ASP A 2 15.43 1.71 -3.37
N SER A 3 15.55 2.39 -4.51
CA SER A 3 15.31 3.82 -4.60
C SER A 3 13.78 4.02 -4.52
N LYS A 4 13.12 2.91 -4.34
CA LYS A 4 11.64 2.90 -4.19
C LYS A 4 11.18 2.26 -2.85
N TYR A 5 10.01 2.67 -2.35
CA TYR A 5 9.49 2.09 -1.10
C TYR A 5 7.94 2.35 -1.02
N GLN A 6 7.30 1.65 -0.12
CA GLN A 6 5.90 1.60 -0.06
C GLN A 6 5.36 2.85 0.75
N CYS A 7 4.48 3.67 0.13
CA CYS A 7 3.95 4.85 0.78
CA CYS A 7 3.92 4.87 0.75
C CYS A 7 2.44 4.92 0.51
N VAL A 8 1.76 5.70 1.31
CA VAL A 8 0.33 5.95 1.18
C VAL A 8 0.15 7.46 0.94
N LYS A 9 -0.82 7.80 0.11
CA LYS A 9 -1.18 9.21 -0.18
C LYS A 9 -2.02 9.79 0.91
N LEU A 10 -1.59 10.93 1.48
CA LEU A 10 -2.36 11.53 2.57
C LEU A 10 -3.38 12.48 1.97
N ASN A 11 -4.25 12.96 2.83
CA ASN A 11 -5.34 13.80 2.31
C ASN A 11 -4.89 15.19 1.86
N ASP A 12 -3.64 15.59 2.14
CA ASP A 12 -3.08 16.87 1.61
C ASP A 12 -2.22 16.66 0.38
N GLY A 13 -2.26 15.44 -0.17
CA GLY A 13 -1.48 15.15 -1.40
C GLY A 13 -0.05 14.68 -1.15
N HIS A 14 0.48 14.83 0.06
CA HIS A 14 1.83 14.28 0.36
C HIS A 14 1.78 12.80 0.59
N PHE A 15 2.94 12.17 0.49
CA PHE A 15 3.06 10.68 0.72
C PHE A 15 3.83 10.28 1.97
N MET A 16 3.31 9.26 2.67
CA MET A 16 3.86 8.84 3.89
C MET A 16 4.33 7.41 3.72
N PRO A 17 5.63 7.16 4.06
CA PRO A 17 6.00 5.73 3.99
C PRO A 17 5.24 4.91 5.00
N VAL A 18 4.84 3.67 4.64
CA VAL A 18 3.92 2.92 5.55
C VAL A 18 4.56 2.21 6.75
N LEU A 19 5.92 2.14 6.73
CA LEU A 19 6.67 1.61 7.88
C LEU A 19 7.50 2.77 8.42
N GLY A 20 7.31 3.07 9.67
CA GLY A 20 8.02 4.17 10.33
C GLY A 20 8.91 3.72 11.48
N PHE A 21 9.98 4.42 11.68
CA PHE A 21 10.96 4.10 12.77
C PHE A 21 10.64 4.92 14.03
N GLY A 22 10.40 4.22 15.13
CA GLY A 22 10.13 4.85 16.40
C GLY A 22 11.41 5.22 17.08
N THR A 23 11.48 6.37 17.69
CA THR A 23 12.79 6.76 18.31
C THR A 23 12.74 7.00 19.82
N TYR A 24 11.58 6.89 20.45
CA TYR A 24 11.52 7.09 21.90
C TYR A 24 12.30 5.97 22.61
N ALA A 25 13.09 6.37 23.61
CA ALA A 25 13.76 5.35 24.46
C ALA A 25 13.63 5.78 25.89
N PRO A 26 13.48 4.77 26.82
CA PRO A 26 13.31 5.05 28.22
C PRO A 26 14.46 5.86 28.81
N ALA A 27 14.12 6.44 29.95
CA ALA A 27 15.00 7.46 30.53
C ALA A 27 16.45 6.94 30.77
N GLU A 28 16.58 5.68 31.15
CA GLU A 28 17.90 5.04 31.40
C GLU A 28 18.85 4.97 30.15
N VAL A 29 18.32 5.10 28.93
CA VAL A 29 19.17 5.00 27.69
C VAL A 29 19.90 6.29 27.26
N PRO A 30 21.22 6.23 27.07
CA PRO A 30 21.99 7.44 26.74
C PRO A 30 21.63 7.96 25.35
N LYS A 31 22.03 9.20 25.07
CA LYS A 31 21.78 9.84 23.77
C LYS A 31 22.47 9.24 22.52
N SER A 32 23.75 8.88 22.64
CA SER A 32 24.54 8.43 21.47
C SER A 32 23.76 7.28 20.80
N LYS A 33 22.86 6.68 21.64
CA LYS A 33 22.06 5.55 21.21
C LYS A 33 21.05 5.93 20.16
N ALA A 34 20.34 7.05 20.30
CA ALA A 34 19.37 7.42 19.28
C ALA A 34 20.06 7.76 17.94
N LEU A 35 21.22 8.44 18.04
CA LEU A 35 22.02 8.76 16.86
C LEU A 35 22.34 7.51 16.02
N GLU A 36 22.95 6.49 16.69
CA GLU A 36 23.34 5.32 15.97
C GLU A 36 22.12 4.52 15.46
N ALA A 37 21.08 4.46 16.28
CA ALA A 37 19.91 3.66 15.90
C ALA A 37 19.28 4.30 14.65
N VAL A 38 19.15 5.65 14.63
CA VAL A 38 18.54 6.24 13.45
C VAL A 38 19.43 6.06 12.19
N LYS A 39 20.75 6.20 12.31
CA LYS A 39 21.53 5.82 11.19
C LYS A 39 21.30 4.39 10.69
N LEU A 40 21.35 3.41 11.61
CA LEU A 40 21.09 2.06 11.23
C LEU A 40 19.74 1.86 10.51
N ALA A 41 18.74 2.60 11.00
CA ALA A 41 17.37 2.46 10.47
C ALA A 41 17.34 2.89 9.03
N ILE A 42 17.94 4.06 8.77
CA ILE A 42 18.03 4.58 7.40
C ILE A 42 18.77 3.59 6.54
N GLU A 43 19.93 3.10 7.07
CA GLU A 43 20.68 2.09 6.35
C GLU A 43 19.89 0.85 5.94
N ALA A 44 18.91 0.47 6.78
CA ALA A 44 18.11 -0.78 6.64
C ALA A 44 16.97 -0.58 5.70
N GLY A 45 16.64 0.67 5.43
CA GLY A 45 15.56 0.93 4.50
C GLY A 45 14.39 1.69 5.08
N PHE A 46 14.47 2.13 6.33
CA PHE A 46 13.39 3.00 6.91
C PHE A 46 13.51 4.40 6.30
N HIS A 47 12.36 4.92 5.82
CA HIS A 47 12.36 6.25 5.25
C HIS A 47 11.45 7.17 6.02
N HIS A 48 10.78 6.65 7.02
CA HIS A 48 9.90 7.43 7.89
C HIS A 48 10.47 7.31 9.28
N ILE A 49 10.68 8.47 9.95
CA ILE A 49 11.34 8.57 11.27
C ILE A 49 10.43 9.37 12.18
N ASP A 50 10.05 8.80 13.31
CA ASP A 50 9.09 9.46 14.20
C ASP A 50 9.79 9.89 15.49
N SER A 51 9.69 11.17 15.79
CA SER A 51 10.08 11.74 17.07
C SER A 51 9.12 12.81 17.60
N ALA A 52 9.62 13.50 18.59
CA ALA A 52 8.87 14.48 19.32
C ALA A 52 9.78 15.40 20.18
N HIS A 53 9.34 16.60 20.47
CA HIS A 53 10.14 17.50 21.29
C HIS A 53 10.45 16.80 22.62
N VAL A 54 9.41 16.21 23.16
CA VAL A 54 9.54 15.62 24.49
C VAL A 54 10.40 14.38 24.65
N TYR A 55 10.78 13.80 23.55
CA TYR A 55 11.61 12.61 23.60
C TYR A 55 13.06 12.96 23.92
N ASN A 56 13.34 14.23 23.86
CA ASN A 56 14.67 14.75 24.16
C ASN A 56 15.78 14.11 23.34
N ASN A 57 15.49 13.85 22.07
CA ASN A 57 16.47 13.28 21.17
C ASN A 57 16.65 14.02 19.80
N GLU A 58 15.95 15.13 19.60
CA GLU A 58 15.88 15.65 18.27
C GLU A 58 17.29 16.14 17.77
N GLU A 59 18.15 16.60 18.67
CA GLU A 59 19.51 16.89 18.30
C GLU A 59 20.18 15.69 17.63
N GLN A 60 20.04 14.50 18.25
CA GLN A 60 20.68 13.27 17.79
C GLN A 60 19.98 12.72 16.57
N VAL A 61 18.65 12.83 16.56
CA VAL A 61 17.86 12.36 15.42
C VAL A 61 18.19 13.19 14.14
N GLY A 62 18.29 14.52 14.30
CA GLY A 62 18.57 15.45 13.25
C GLY A 62 19.95 15.16 12.69
N LEU A 63 20.87 14.89 13.60
CA LEU A 63 22.25 14.59 13.22
C LEU A 63 22.34 13.28 12.40
N ALA A 64 21.63 12.26 12.84
CA ALA A 64 21.57 11.03 12.09
C ALA A 64 21.06 11.20 10.68
N ILE A 65 19.97 11.93 10.55
CA ILE A 65 19.39 12.16 9.22
C ILE A 65 20.38 12.99 8.36
N ARG A 66 21.03 14.03 8.92
CA ARG A 66 21.84 14.93 8.11
C ARG A 66 23.11 14.10 7.75
N SER A 67 23.54 13.26 8.68
CA SER A 67 24.69 12.40 8.40
C SER A 67 24.42 11.43 7.22
N LYS A 68 23.21 10.88 7.17
CA LYS A 68 22.91 9.94 6.12
C LYS A 68 22.65 10.64 4.78
N ILE A 69 22.31 11.94 4.83
CA ILE A 69 22.18 12.69 3.57
C ILE A 69 23.62 13.03 3.07
N ALA A 70 24.41 13.47 4.01
CA ALA A 70 25.78 13.92 3.67
C ALA A 70 26.68 12.76 3.20
N ASP A 71 26.38 11.52 3.63
CA ASP A 71 27.17 10.35 3.16
C ASP A 71 26.62 9.73 1.91
N GLY A 72 25.51 10.30 1.40
CA GLY A 72 24.86 9.95 0.17
C GLY A 72 23.87 8.79 0.19
N SER A 73 23.53 8.31 1.40
CA SER A 73 22.64 7.18 1.53
C SER A 73 21.25 7.59 1.12
N VAL A 74 20.86 8.81 1.42
CA VAL A 74 19.47 9.20 1.20
C VAL A 74 19.40 10.68 0.94
N LYS A 75 18.31 11.11 0.30
CA LYS A 75 18.09 12.51 0.05
C LYS A 75 17.01 13.03 1.01
N ARG A 76 16.96 14.29 1.33
CA ARG A 76 16.01 14.80 2.31
C ARG A 76 14.57 14.51 1.83
N GLU A 77 14.38 14.64 0.53
CA GLU A 77 13.03 14.34 -0.01
C GLU A 77 12.60 12.92 0.26
N ASP A 78 13.52 11.98 0.52
CA ASP A 78 13.12 10.62 0.74
C ASP A 78 13.10 10.23 2.19
N ILE A 79 13.29 11.22 3.08
CA ILE A 79 13.12 11.01 4.54
C ILE A 79 11.77 11.70 4.86
N PHE A 80 10.93 11.00 5.63
CA PHE A 80 9.65 11.58 6.13
C PHE A 80 9.83 11.67 7.66
N TYR A 81 10.11 12.89 8.16
CA TYR A 81 10.38 13.08 9.56
C TYR A 81 9.21 13.72 10.24
N THR A 82 8.78 13.10 11.36
CA THR A 82 7.65 13.61 12.13
C THR A 82 8.12 14.18 13.47
N SER A 83 7.62 15.37 13.80
CA SER A 83 7.82 15.82 15.21
C SER A 83 6.45 16.04 15.82
N LYS A 84 6.41 16.41 17.12
CA LYS A 84 5.12 16.60 17.81
C LYS A 84 5.27 17.77 18.78
N LEU A 85 4.19 18.54 18.92
CA LEU A 85 4.03 19.69 19.80
C LEU A 85 3.61 19.22 21.17
N TRP A 86 4.44 19.59 22.17
CA TRP A 86 4.16 19.17 23.51
C TRP A 86 3.06 20.03 24.12
N SER A 87 2.40 19.47 25.14
CA SER A 87 1.16 20.04 25.68
C SER A 87 1.36 21.35 26.43
N ASN A 88 2.59 21.68 26.78
CA ASN A 88 2.83 23.05 27.36
C ASN A 88 2.96 24.13 26.28
N SER A 89 2.77 23.76 25.01
CA SER A 89 2.81 24.72 23.90
C SER A 89 1.54 24.75 23.07
N HIS A 90 0.42 24.29 23.68
CA HIS A 90 -0.84 24.28 22.90
C HIS A 90 -1.41 25.68 22.65
N ARG A 91 -1.06 26.66 23.49
CA ARG A 91 -1.56 28.01 23.24
C ARG A 91 -1.14 28.49 21.84
N PRO A 92 -2.06 29.07 21.03
CA PRO A 92 -1.70 29.20 19.65
C PRO A 92 -0.49 30.12 19.42
N GLU A 93 -0.21 31.03 20.38
CA GLU A 93 0.96 31.95 20.32
C GLU A 93 2.30 31.22 20.44
N LEU A 94 2.24 30.00 20.96
CA LEU A 94 3.47 29.23 21.28
C LEU A 94 3.74 28.05 20.28
N VAL A 95 2.78 27.77 19.40
CA VAL A 95 2.85 26.63 18.45
C VAL A 95 4.06 26.84 17.49
N ARG A 96 4.11 28.00 16.79
CA ARG A 96 5.17 28.15 15.79
C ARG A 96 6.55 28.18 16.56
N PRO A 97 6.68 28.94 17.69
CA PRO A 97 7.95 28.90 18.37
C PRO A 97 8.38 27.48 18.75
N ALA A 98 7.43 26.61 19.12
CA ALA A 98 7.84 25.25 19.53
C ALA A 98 8.31 24.50 18.29
N LEU A 99 7.63 24.70 17.16
CA LEU A 99 8.09 24.03 15.96
C LEU A 99 9.49 24.58 15.58
N GLU A 100 9.68 25.91 15.67
CA GLU A 100 10.98 26.44 15.23
C GLU A 100 12.06 25.92 16.18
N ARG A 101 11.69 25.73 17.44
CA ARG A 101 12.61 25.19 18.44
C ARG A 101 13.07 23.77 18.11
N SER A 102 12.13 22.94 17.67
CA SER A 102 12.45 21.58 17.16
C SER A 102 13.33 21.64 15.91
N LEU A 103 12.99 22.49 14.92
CA LEU A 103 13.78 22.62 13.67
C LEU A 103 15.21 23.08 14.02
N LYS A 104 15.34 23.95 15.04
CA LYS A 104 16.68 24.42 15.38
C LYS A 104 17.50 23.25 15.96
N ASN A 105 16.87 22.46 16.83
CA ASN A 105 17.61 21.31 17.42
C ASN A 105 18.01 20.27 16.35
N LEU A 106 17.07 20.08 15.39
CA LEU A 106 17.27 19.12 14.28
C LEU A 106 18.31 19.58 13.28
N GLN A 107 18.45 20.92 13.21
CA GLN A 107 19.09 21.63 12.07
C GLN A 107 18.49 21.18 10.74
N LEU A 108 17.12 21.13 10.68
CA LEU A 108 16.47 20.85 9.42
C LEU A 108 15.60 22.09 9.11
N ASP A 109 15.26 22.27 7.87
CA ASP A 109 14.47 23.45 7.44
C ASP A 109 12.98 23.23 7.60
N TYR A 110 12.54 21.95 7.64
CA TYR A 110 11.12 21.66 7.83
C TYR A 110 10.98 20.24 8.39
N VAL A 111 9.81 19.96 8.96
CA VAL A 111 9.45 18.54 9.26
C VAL A 111 8.48 18.14 8.19
N ASP A 112 8.40 16.84 7.91
CA ASP A 112 7.40 16.40 6.98
C ASP A 112 6.05 16.34 7.65
N LEU A 113 6.02 16.15 8.98
CA LEU A 113 4.71 16.04 9.68
C LEU A 113 4.84 16.61 11.10
N TYR A 114 3.90 17.49 11.48
CA TYR A 114 3.94 17.96 12.85
C TYR A 114 2.60 17.60 13.47
N LEU A 115 2.66 16.99 14.63
CA LEU A 115 1.44 16.54 15.35
C LEU A 115 1.19 17.30 16.63
N ILE A 116 -0.12 17.43 16.96
CA ILE A 116 -0.47 17.74 18.37
C ILE A 116 -0.24 16.43 19.13
N HIS A 117 0.70 16.45 20.07
CA HIS A 117 1.13 15.22 20.75
C HIS A 117 0.06 14.56 21.60
N PHE A 118 -0.69 15.37 22.35
CA PHE A 118 -1.65 14.84 23.32
C PHE A 118 -2.65 15.94 23.62
N PRO A 119 -3.98 15.64 23.65
CA PRO A 119 -4.95 16.78 23.55
C PRO A 119 -5.19 17.49 24.90
N VAL A 120 -4.62 17.02 25.98
CA VAL A 120 -4.76 17.72 27.30
C VAL A 120 -3.65 18.74 27.45
N SER A 121 -3.99 20.01 27.56
CA SER A 121 -3.02 21.12 27.65
C SER A 121 -2.57 21.31 29.10
N VAL A 122 -1.33 21.73 29.24
CA VAL A 122 -0.79 22.10 30.56
C VAL A 122 -0.23 23.50 30.45
N LYS A 123 -0.01 24.10 31.62
CA LYS A 123 0.50 25.47 31.62
C LYS A 123 1.83 25.66 30.94
N PRO A 124 2.00 26.79 30.21
CA PRO A 124 3.24 27.08 29.50
C PRO A 124 4.39 27.42 30.43
N GLY A 125 5.60 27.31 29.92
CA GLY A 125 6.77 27.45 30.82
C GLY A 125 7.80 26.40 30.50
N GLU A 126 8.89 26.40 31.29
CA GLU A 126 9.96 25.46 31.06
C GLU A 126 9.69 23.99 31.44
N GLU A 127 8.81 23.75 32.41
CA GLU A 127 8.49 22.40 32.80
C GLU A 127 7.60 21.73 31.76
N VAL A 128 7.96 20.52 31.40
CA VAL A 128 7.07 19.77 30.50
C VAL A 128 5.85 19.20 31.25
N ILE A 129 5.95 19.02 32.59
CA ILE A 129 4.76 18.68 33.41
C ILE A 129 4.77 19.67 34.59
N PRO A 130 4.11 20.82 34.44
CA PRO A 130 4.13 21.83 35.46
C PRO A 130 3.21 21.37 36.65
N LYS A 131 3.67 21.65 37.87
CA LYS A 131 2.96 21.27 39.07
C LYS A 131 2.87 22.40 40.08
N ASP A 132 1.76 22.38 40.82
CA ASP A 132 1.43 23.32 41.90
C ASP A 132 2.07 22.92 43.23
N GLU A 133 2.03 23.79 44.23
CA GLU A 133 2.75 23.50 45.48
C GLU A 133 2.32 22.20 46.23
N ASN A 134 1.20 21.62 45.85
CA ASN A 134 0.75 20.33 46.38
C ASN A 134 1.06 19.21 45.42
N GLY A 135 1.85 19.49 44.39
CA GLY A 135 2.25 18.46 43.46
C GLY A 135 1.22 18.09 42.41
N LYS A 136 0.13 18.86 42.32
CA LYS A 136 -0.96 18.70 41.32
C LYS A 136 -0.58 19.31 39.95
N ILE A 137 -0.90 18.59 38.87
CA ILE A 137 -0.54 19.08 37.56
C ILE A 137 -1.36 20.29 37.28
N LEU A 138 -0.67 21.31 36.73
CA LEU A 138 -1.32 22.53 36.33
C LEU A 138 -1.84 22.42 34.89
N PHE A 139 -3.11 22.07 34.79
CA PHE A 139 -3.74 21.94 33.49
C PHE A 139 -4.07 23.33 32.98
N ASP A 140 -4.19 23.45 31.66
CA ASP A 140 -4.48 24.76 31.09
C ASP A 140 -5.77 24.62 30.25
N THR A 141 -6.61 25.65 30.24
CA THR A 141 -7.75 25.68 29.37
C THR A 141 -7.36 26.29 28.00
N VAL A 142 -7.28 25.44 26.99
CA VAL A 142 -6.94 25.91 25.60
C VAL A 142 -7.91 25.34 24.62
N ASP A 143 -8.36 26.17 23.69
CA ASP A 143 -9.22 25.72 22.62
C ASP A 143 -8.34 25.09 21.54
N LEU A 144 -8.43 23.75 21.41
CA LEU A 144 -7.55 23.05 20.40
C LEU A 144 -7.85 23.45 18.99
N CYS A 145 -9.06 23.99 18.70
CA CYS A 145 -9.29 24.58 17.39
C CYS A 145 -8.36 25.78 17.13
N ALA A 146 -8.01 26.53 18.19
CA ALA A 146 -7.04 27.64 18.02
C ALA A 146 -5.63 27.08 17.82
N THR A 147 -5.32 26.04 18.61
CA THR A 147 -4.05 25.33 18.36
C THR A 147 -3.99 24.84 16.95
N TRP A 148 -5.08 24.22 16.45
CA TRP A 148 -5.10 23.78 15.05
C TRP A 148 -4.83 24.90 14.05
N GLU A 149 -5.56 26.04 14.18
CA GLU A 149 -5.26 27.24 13.32
C GLU A 149 -3.82 27.56 13.22
N ALA A 150 -3.09 27.48 14.36
CA ALA A 150 -1.69 27.83 14.43
C ALA A 150 -0.86 26.76 13.70
N MET A 151 -1.29 25.52 13.78
CA MET A 151 -0.62 24.44 13.01
C MET A 151 -0.84 24.61 11.53
N GLU A 152 -2.08 25.02 11.12
CA GLU A 152 -2.31 25.28 9.70
C GLU A 152 -1.37 26.39 9.16
N LYS A 153 -1.12 27.41 9.97
CA LYS A 153 -0.19 28.47 9.51
C LYS A 153 1.25 27.96 9.45
N CYS A 154 1.62 27.00 10.29
CA CYS A 154 2.95 26.33 10.15
C CYS A 154 3.05 25.61 8.82
N LYS A 155 1.98 24.97 8.37
CA LYS A 155 2.00 24.30 7.06
C LYS A 155 2.05 25.41 5.98
N ASP A 156 1.20 26.42 6.07
CA ASP A 156 1.33 27.48 5.09
C ASP A 156 2.70 28.07 5.01
N ALA A 157 3.40 28.22 6.14
CA ALA A 157 4.79 28.76 6.11
C ALA A 157 5.86 27.81 5.54
N GLY A 158 5.49 26.54 5.37
CA GLY A 158 6.35 25.49 4.82
C GLY A 158 7.15 24.79 5.89
N LEU A 159 6.94 25.17 7.15
CA LEU A 159 7.76 24.64 8.27
C LEU A 159 7.34 23.16 8.57
N ALA A 160 6.10 22.83 8.27
CA ALA A 160 5.62 21.42 8.35
C ALA A 160 4.88 21.10 7.07
N LYS A 161 5.36 20.09 6.32
CA LYS A 161 4.69 19.81 5.05
C LYS A 161 3.26 19.33 5.24
N SER A 162 3.05 18.55 6.32
CA SER A 162 1.71 18.00 6.68
C SER A 162 1.47 18.18 8.15
N ILE A 163 0.21 18.35 8.55
CA ILE A 163 -0.11 18.43 10.01
C ILE A 163 -1.10 17.36 10.40
N GLY A 164 -1.01 16.90 11.65
CA GLY A 164 -1.98 15.90 12.09
C GLY A 164 -2.05 15.90 13.57
N VAL A 165 -2.65 14.86 14.13
CA VAL A 165 -2.86 14.79 15.59
C VAL A 165 -2.45 13.40 16.11
N SER A 166 -2.30 13.35 17.43
CA SER A 166 -1.99 12.05 18.10
C SER A 166 -2.85 11.95 19.34
N ASN A 167 -3.24 10.71 19.68
CA ASN A 167 -4.03 10.46 20.88
C ASN A 167 -5.37 11.24 20.83
N PHE A 168 -5.92 11.47 19.65
CA PHE A 168 -7.30 12.00 19.59
C PHE A 168 -8.34 10.89 19.53
N ASN A 169 -9.49 11.16 20.14
CA ASN A 169 -10.63 10.23 20.05
C ASN A 169 -11.63 10.82 19.02
N HIS A 170 -12.74 10.12 18.79
CA HIS A 170 -13.76 10.47 17.84
C HIS A 170 -14.21 11.87 18.09
N ARG A 171 -14.59 12.17 19.35
CA ARG A 171 -15.13 13.55 19.62
C ARG A 171 -14.10 14.68 19.26
N LEU A 172 -12.84 14.47 19.66
CA LEU A 172 -11.83 15.48 19.39
C LEU A 172 -11.52 15.58 17.87
N LEU A 173 -11.59 14.46 17.10
CA LEU A 173 -11.35 14.60 15.64
C LEU A 173 -12.50 15.38 15.04
N GLU A 174 -13.70 15.06 15.49
CA GLU A 174 -14.93 15.76 14.98
C GLU A 174 -14.80 17.24 15.21
N MET A 175 -14.26 17.62 16.38
CA MET A 175 -14.18 19.03 16.77
C MET A 175 -13.26 19.75 15.81
N ILE A 176 -12.17 19.11 15.43
CA ILE A 176 -11.32 19.70 14.39
C ILE A 176 -11.99 19.69 12.98
N LEU A 177 -12.59 18.56 12.59
CA LEU A 177 -13.15 18.40 11.23
C LEU A 177 -14.30 19.37 11.06
N ASN A 178 -14.98 19.68 12.16
CA ASN A 178 -16.08 20.71 12.16
C ASN A 178 -15.68 22.13 12.42
N LYS A 179 -14.38 22.44 12.54
CA LYS A 179 -13.97 23.76 13.03
C LYS A 179 -14.39 24.81 11.99
N PRO A 180 -14.86 25.96 12.45
CA PRO A 180 -15.10 27.12 11.49
C PRO A 180 -13.84 27.44 10.79
N GLY A 181 -13.94 27.63 9.46
CA GLY A 181 -12.83 28.12 8.67
C GLY A 181 -11.72 27.06 8.55
N LEU A 182 -12.06 25.80 8.80
CA LEU A 182 -10.99 24.71 8.65
C LEU A 182 -10.30 24.84 7.32
N LYS A 183 -8.95 24.78 7.32
CA LYS A 183 -8.19 24.89 6.03
C LYS A 183 -7.65 23.51 5.63
N TYR A 184 -7.04 22.81 6.61
CA TYR A 184 -6.43 21.48 6.37
C TYR A 184 -6.91 20.50 7.39
N LYS A 185 -7.51 19.42 6.93
CA LYS A 185 -7.83 18.36 7.85
C LYS A 185 -6.48 17.78 8.42
N PRO A 186 -6.54 17.12 9.56
CA PRO A 186 -5.39 16.30 10.02
C PRO A 186 -5.14 15.23 9.00
N VAL A 187 -3.85 14.98 8.63
CA VAL A 187 -3.59 13.89 7.72
C VAL A 187 -3.68 12.53 8.42
N CYS A 188 -3.57 12.54 9.74
CA CYS A 188 -3.39 11.26 10.49
C CYS A 188 -3.82 11.46 11.96
N ASN A 189 -4.05 10.33 12.63
CA ASN A 189 -4.26 10.32 14.07
C ASN A 189 -3.35 9.20 14.49
N GLN A 190 -2.25 9.60 15.16
CA GLN A 190 -1.28 8.59 15.66
C GLN A 190 -1.73 8.11 17.08
N VAL A 191 -2.08 6.83 17.17
CA VAL A 191 -2.61 6.25 18.46
C VAL A 191 -2.00 4.89 18.70
N GLU A 192 -2.04 4.49 19.97
CA GLU A 192 -1.62 3.11 20.30
C GLU A 192 -2.50 2.12 19.47
N CYS A 193 -1.85 1.11 18.89
CA CYS A 193 -2.59 0.14 18.10
C CYS A 193 -1.78 -1.12 17.88
N HIS A 194 -2.32 -2.24 18.28
CA HIS A 194 -1.70 -3.55 18.18
C HIS A 194 -2.83 -4.62 18.36
N PRO A 195 -2.47 -5.88 18.18
CA PRO A 195 -3.55 -6.88 18.18
C PRO A 195 -4.28 -7.02 19.55
N TYR A 196 -3.73 -6.48 20.67
CA TYR A 196 -4.50 -6.52 21.95
C TYR A 196 -5.39 -5.27 22.10
N PHE A 197 -5.21 -4.33 21.18
CA PHE A 197 -6.03 -3.14 21.15
C PHE A 197 -6.09 -2.63 19.69
N ASN A 198 -6.95 -3.22 18.87
CA ASN A 198 -6.75 -3.04 17.40
C ASN A 198 -7.46 -1.79 16.86
N GLN A 199 -8.21 -1.13 17.73
CA GLN A 199 -8.83 0.18 17.41
C GLN A 199 -9.77 0.21 16.21
N ARG A 200 -10.46 -0.92 15.95
CA ARG A 200 -11.24 -1.01 14.76
C ARG A 200 -12.27 0.09 14.66
N LYS A 201 -12.88 0.46 15.79
CA LYS A 201 -13.90 1.53 15.67
C LYS A 201 -13.31 2.89 15.27
N LEU A 202 -12.24 3.24 15.91
CA LEU A 202 -11.59 4.53 15.62
C LEU A 202 -10.93 4.46 14.24
N LEU A 203 -10.37 3.33 13.89
CA LEU A 203 -9.78 3.12 12.51
C LEU A 203 -10.85 3.33 11.45
N ASP A 204 -12.02 2.72 11.65
CA ASP A 204 -13.09 2.94 10.64
C ASP A 204 -13.49 4.40 10.61
N PHE A 205 -13.60 5.03 11.78
CA PHE A 205 -13.97 6.46 11.76
C PHE A 205 -12.92 7.26 10.92
N CYS A 206 -11.66 6.97 11.16
CA CYS A 206 -10.61 7.71 10.47
C CYS A 206 -10.64 7.41 8.98
N LYS A 207 -10.83 6.14 8.62
CA LYS A 207 -10.96 5.81 7.13
C LYS A 207 -12.13 6.58 6.48
N SER A 208 -13.26 6.71 7.19
CA SER A 208 -14.49 7.38 6.64
C SER A 208 -14.18 8.87 6.38
N LYS A 209 -13.13 9.40 7.05
CA LYS A 209 -12.78 10.83 6.90
C LYS A 209 -11.45 11.03 6.16
N ASP A 210 -11.00 9.98 5.49
CA ASP A 210 -9.65 9.91 4.81
C ASP A 210 -8.53 10.46 5.75
N ILE A 211 -8.61 10.05 7.01
CA ILE A 211 -7.46 10.26 7.91
C ILE A 211 -6.75 8.90 8.07
N VAL A 212 -5.43 8.91 7.98
CA VAL A 212 -4.68 7.68 8.17
C VAL A 212 -4.47 7.45 9.62
N LEU A 213 -4.71 6.22 10.11
CA LEU A 213 -4.38 5.92 11.51
C LEU A 213 -2.91 5.45 11.45
N VAL A 214 -2.10 6.03 12.37
CA VAL A 214 -0.66 5.63 12.48
C VAL A 214 -0.52 4.92 13.83
N ALA A 215 0.04 3.69 13.88
CA ALA A 215 0.01 2.90 15.08
C ALA A 215 1.33 3.02 15.83
N TYR A 216 1.27 3.48 17.09
CA TYR A 216 2.45 3.39 17.96
C TYR A 216 2.21 2.27 19.00
N SER A 217 3.31 1.87 19.66
CA SER A 217 3.28 0.69 20.56
C SER A 217 2.70 -0.52 19.78
N ALA A 218 3.06 -0.63 18.51
CA ALA A 218 2.51 -1.71 17.68
C ALA A 218 3.16 -3.05 17.99
N LEU A 219 4.25 -3.00 18.73
CA LEU A 219 4.95 -4.21 19.18
C LEU A 219 4.68 -4.46 20.66
N GLY A 220 3.73 -3.73 21.21
CA GLY A 220 3.45 -3.84 22.62
C GLY A 220 4.04 -2.84 23.61
N SER A 221 4.69 -1.85 23.05
CA SER A 221 5.23 -0.74 23.79
C SER A 221 6.57 -0.97 24.41
N HIS A 222 7.16 0.12 24.82
CA HIS A 222 8.43 0.13 25.47
C HIS A 222 8.35 -0.52 26.87
N ARG A 223 7.14 -0.64 27.36
CA ARG A 223 6.87 -1.14 28.69
C ARG A 223 7.64 -0.39 29.82
N GLU A 224 7.83 0.90 29.65
CA GLU A 224 8.58 1.68 30.63
C GLU A 224 7.65 2.03 31.82
N GLU A 225 8.07 1.68 33.04
CA GLU A 225 7.37 2.14 34.23
C GLU A 225 7.69 3.62 34.45
N PRO A 226 6.77 4.40 35.01
CA PRO A 226 5.44 3.97 35.49
C PRO A 226 4.35 4.19 34.41
N TRP A 227 4.79 4.39 33.17
CA TRP A 227 3.84 4.63 32.03
C TRP A 227 3.07 3.39 31.67
N VAL A 228 3.71 2.25 31.82
CA VAL A 228 3.05 1.02 31.43
C VAL A 228 3.13 0.10 32.64
N ASP A 229 2.06 -0.58 32.95
CA ASP A 229 2.10 -1.50 34.12
C ASP A 229 2.89 -2.76 33.74
N PRO A 230 3.85 -3.24 34.59
CA PRO A 230 4.73 -4.41 34.26
C PRO A 230 3.96 -5.74 34.26
N ASN A 231 2.75 -5.76 34.79
CA ASN A 231 1.89 -6.91 34.73
C ASN A 231 0.85 -6.90 33.61
N SER A 232 0.87 -5.87 32.76
CA SER A 232 0.07 -5.98 31.54
C SER A 232 0.61 -7.15 30.70
N PRO A 233 -0.26 -7.80 29.90
CA PRO A 233 0.24 -8.95 29.07
C PRO A 233 1.31 -8.47 28.09
N VAL A 234 2.29 -9.32 27.83
CA VAL A 234 3.39 -8.99 26.90
C VAL A 234 2.92 -9.43 25.50
N LEU A 235 2.73 -8.42 24.63
CA LEU A 235 2.13 -8.72 23.34
C LEU A 235 2.92 -9.75 22.57
N LEU A 236 4.23 -9.64 22.52
CA LEU A 236 5.00 -10.49 21.59
C LEU A 236 5.15 -11.90 22.13
N GLU A 237 4.64 -12.16 23.34
CA GLU A 237 4.54 -13.54 23.90
C GLU A 237 3.21 -14.20 23.53
N ASP A 238 2.33 -13.52 22.75
CA ASP A 238 1.03 -14.07 22.46
C ASP A 238 1.11 -15.39 21.68
N PRO A 239 0.37 -16.41 22.12
CA PRO A 239 0.46 -17.71 21.42
C PRO A 239 0.05 -17.74 19.98
N VAL A 240 -1.01 -17.02 19.64
CA VAL A 240 -1.40 -16.95 18.23
C VAL A 240 -0.33 -16.21 17.37
N LEU A 241 0.17 -15.08 17.87
CA LEU A 241 1.25 -14.49 17.10
C LEU A 241 2.50 -15.40 16.95
N CYS A 242 2.81 -16.10 18.02
CA CYS A 242 3.98 -16.97 18.00
C CYS A 242 3.77 -18.15 17.08
N ALA A 243 2.55 -18.69 17.04
CA ALA A 243 2.25 -19.77 16.09
C ALA A 243 2.31 -19.30 14.65
N LEU A 244 1.72 -18.12 14.36
CA LEU A 244 1.81 -17.60 12.98
C LEU A 244 3.22 -17.29 12.59
N ALA A 245 4.05 -16.84 13.55
CA ALA A 245 5.43 -16.48 13.22
C ALA A 245 6.19 -17.76 12.84
N LYS A 246 5.97 -18.82 13.60
CA LYS A 246 6.63 -20.10 13.26
C LYS A 246 6.20 -20.62 11.89
N LYS A 247 4.90 -20.55 11.62
CA LYS A 247 4.36 -21.01 10.35
C LYS A 247 5.01 -20.26 9.16
N HIS A 248 5.21 -18.98 9.37
CA HIS A 248 5.78 -18.12 8.34
C HIS A 248 7.29 -18.02 8.30
N LYS A 249 7.93 -18.58 9.31
CA LYS A 249 9.36 -18.43 9.53
C LYS A 249 9.76 -16.98 9.63
N ARG A 250 8.89 -16.25 10.32
CA ARG A 250 9.16 -14.93 10.72
C ARG A 250 9.23 -14.83 12.27
N THR A 251 8.76 -13.73 12.78
CA THR A 251 8.75 -13.47 14.22
C THR A 251 7.44 -12.85 14.68
N PRO A 252 7.16 -12.96 15.99
CA PRO A 252 5.92 -12.36 16.45
C PRO A 252 5.86 -10.86 16.10
N ALA A 253 6.97 -10.15 16.29
CA ALA A 253 7.00 -8.71 15.89
C ALA A 253 6.54 -8.49 14.45
N LEU A 254 7.08 -9.30 13.53
CA LEU A 254 6.80 -9.11 12.05
C LEU A 254 5.34 -9.39 11.77
N ILE A 255 4.79 -10.40 12.51
CA ILE A 255 3.37 -10.68 12.37
C ILE A 255 2.53 -9.50 12.81
N ALA A 256 2.87 -8.97 13.96
CA ALA A 256 2.18 -7.74 14.48
C ALA A 256 2.30 -6.56 13.50
N LEU A 257 3.48 -6.39 12.91
CA LEU A 257 3.67 -5.32 11.94
C LEU A 257 2.87 -5.55 10.64
N ARG A 258 2.95 -6.77 10.14
CA ARG A 258 2.28 -7.01 8.87
C ARG A 258 0.73 -6.89 8.98
N TYR A 259 0.16 -7.35 10.14
CA TYR A 259 -1.28 -7.14 10.46
C TYR A 259 -1.67 -5.70 10.17
N GLN A 260 -0.91 -4.76 10.73
CA GLN A 260 -1.28 -3.33 10.51
C GLN A 260 -1.23 -2.98 9.06
N LEU A 261 -0.15 -3.38 8.41
CA LEU A 261 -0.08 -2.98 6.95
C LEU A 261 -1.29 -3.47 6.10
N GLN A 262 -1.73 -4.68 6.38
CA GLN A 262 -2.83 -5.24 5.66
C GLN A 262 -4.15 -4.59 6.02
N ARG A 263 -4.28 -3.96 7.16
CA ARG A 263 -5.54 -3.28 7.47
C ARG A 263 -5.51 -1.75 7.21
N GLY A 264 -4.52 -1.34 6.42
CA GLY A 264 -4.42 0.04 5.96
C GLY A 264 -3.95 1.02 7.07
N VAL A 265 -3.18 0.49 8.01
CA VAL A 265 -2.57 1.29 9.10
C VAL A 265 -1.12 1.53 8.77
N VAL A 266 -0.65 2.77 8.95
CA VAL A 266 0.76 3.03 8.85
C VAL A 266 1.35 2.63 10.22
N VAL A 267 2.42 1.83 10.22
CA VAL A 267 2.88 1.23 11.45
C VAL A 267 4.25 1.70 11.87
N LEU A 268 4.38 2.05 13.17
CA LEU A 268 5.76 2.43 13.66
C LEU A 268 6.36 1.23 14.31
N ALA A 269 7.69 1.20 14.33
CA ALA A 269 8.40 0.14 15.12
C ALA A 269 9.70 0.76 15.71
N LYS A 270 9.84 0.87 17.05
CA LYS A 270 11.08 1.33 17.66
C LYS A 270 12.01 0.13 17.88
N SER A 271 13.28 0.24 17.44
CA SER A 271 14.24 -0.74 17.95
C SER A 271 15.57 -0.01 17.98
N TYR A 272 16.33 -0.19 19.06
CA TYR A 272 17.74 0.38 19.01
C TYR A 272 18.74 -0.72 18.85
N ASN A 273 18.26 -1.87 18.42
CA ASN A 273 19.10 -3.05 18.21
C ASN A 273 19.28 -3.29 16.72
N GLU A 274 20.53 -3.33 16.27
CA GLU A 274 20.77 -3.53 14.80
C GLU A 274 20.09 -4.73 14.12
N GLN A 275 20.01 -5.86 14.81
CA GLN A 275 19.34 -7.03 14.22
C GLN A 275 17.82 -6.84 14.13
N ARG A 276 17.22 -6.24 15.15
CA ARG A 276 15.78 -6.12 15.14
C ARG A 276 15.38 -4.98 14.18
N ILE A 277 16.21 -3.95 14.06
CA ILE A 277 15.92 -2.83 13.09
C ILE A 277 15.84 -3.43 11.69
N ARG A 278 16.85 -4.29 11.40
CA ARG A 278 16.83 -4.97 10.12
C ARG A 278 15.70 -5.97 9.94
N GLN A 279 15.35 -6.63 11.02
CA GLN A 279 14.36 -7.68 10.92
C GLN A 279 13.00 -7.01 10.57
N ASN A 280 12.79 -5.83 11.12
CA ASN A 280 11.45 -5.17 11.04
C ASN A 280 11.14 -4.79 9.61
N VAL A 281 12.16 -4.46 8.82
CA VAL A 281 11.98 -4.17 7.34
C VAL A 281 11.49 -5.40 6.55
N GLN A 282 11.60 -6.61 7.14
CA GLN A 282 11.08 -7.84 6.48
C GLN A 282 9.57 -7.81 6.40
N VAL A 283 8.93 -6.80 6.98
CA VAL A 283 7.47 -6.77 6.90
C VAL A 283 6.95 -6.82 5.45
N PHE A 284 7.76 -6.30 4.51
CA PHE A 284 7.38 -6.21 3.10
C PHE A 284 7.60 -7.48 2.32
N GLU A 285 8.18 -8.50 2.97
CA GLU A 285 8.59 -9.73 2.30
C GLU A 285 7.62 -10.91 2.37
N PHE A 286 6.53 -10.77 3.10
CA PHE A 286 5.53 -11.88 3.22
C PHE A 286 4.16 -11.27 3.35
N GLN A 287 3.14 -12.09 3.28
CA GLN A 287 1.77 -11.61 3.39
C GLN A 287 1.02 -12.62 4.28
N LEU A 288 -0.05 -12.12 4.87
CA LEU A 288 -0.97 -12.92 5.69
C LEU A 288 -2.26 -13.26 4.93
N THR A 289 -2.77 -14.47 5.07
CA THR A 289 -4.05 -14.82 4.43
C THR A 289 -5.21 -14.25 5.18
N SER A 290 -6.39 -14.33 4.59
CA SER A 290 -7.57 -13.82 5.28
C SER A 290 -7.80 -14.55 6.62
N GLU A 291 -7.59 -15.87 6.68
CA GLU A 291 -7.90 -16.57 7.90
C GLU A 291 -6.89 -16.16 8.98
N GLU A 292 -5.63 -15.90 8.56
CA GLU A 292 -4.58 -15.42 9.53
C GLU A 292 -4.96 -14.01 10.06
N MET A 293 -5.45 -13.16 9.15
CA MET A 293 -5.85 -11.81 9.54
C MET A 293 -7.06 -11.89 10.48
N LYS A 294 -7.98 -12.81 10.20
CA LYS A 294 -9.10 -12.94 11.13
C LYS A 294 -8.68 -13.46 12.46
N ALA A 295 -7.69 -14.40 12.51
CA ALA A 295 -7.22 -14.90 13.79
C ALA A 295 -6.59 -13.76 14.65
N ILE A 296 -5.79 -12.87 14.00
CA ILE A 296 -5.22 -11.72 14.70
C ILE A 296 -6.34 -10.74 15.14
N ASP A 297 -7.36 -10.53 14.30
CA ASP A 297 -8.48 -9.65 14.70
C ASP A 297 -9.06 -10.20 16.02
N GLY A 298 -9.09 -11.53 16.14
CA GLY A 298 -9.68 -12.21 17.31
C GLY A 298 -8.95 -11.96 18.64
N LEU A 299 -7.78 -11.36 18.57
CA LEU A 299 -6.94 -11.18 19.72
C LEU A 299 -7.27 -9.96 20.56
N ASN A 300 -8.15 -9.14 20.03
CA ASN A 300 -8.45 -7.89 20.68
C ASN A 300 -8.92 -8.16 22.11
N ARG A 301 -8.32 -7.47 23.07
CA ARG A 301 -8.65 -7.68 24.46
C ARG A 301 -8.63 -6.44 25.36
N ASN A 302 -8.75 -5.30 24.73
CA ASN A 302 -8.95 -4.09 25.45
C ASN A 302 -7.80 -3.76 26.40
N VAL A 303 -6.61 -4.08 25.97
CA VAL A 303 -5.45 -3.75 26.72
C VAL A 303 -4.81 -2.50 26.12
N ARG A 304 -4.96 -1.42 26.85
CA ARG A 304 -4.24 -0.17 26.52
C ARG A 304 -3.01 -0.07 27.40
N TYR A 305 -1.81 -0.17 26.79
CA TYR A 305 -0.57 -0.05 27.54
C TYR A 305 -0.34 1.36 28.07
N LEU A 306 -0.66 2.36 27.26
CA LEU A 306 -0.30 3.72 27.59
C LEU A 306 -1.55 4.47 27.95
N THR A 307 -1.96 4.48 29.21
CA THR A 307 -3.25 5.13 29.49
C THR A 307 -3.02 6.63 29.73
N LEU A 308 -1.79 7.02 30.04
CA LEU A 308 -1.46 8.42 30.29
C LEU A 308 -2.46 9.11 31.24
N ASP A 309 -2.83 8.39 32.28
CA ASP A 309 -3.83 8.89 33.21
C ASP A 309 -3.30 9.98 34.11
N ILE A 310 -2.00 10.30 34.03
CA ILE A 310 -1.50 11.55 34.61
C ILE A 310 -2.32 12.73 34.05
N PHE A 311 -2.89 12.58 32.85
CA PHE A 311 -3.59 13.64 32.25
C PHE A 311 -5.08 13.48 32.34
N ALA A 312 -5.60 12.49 33.09
CA ALA A 312 -7.06 12.35 33.18
C ALA A 312 -7.68 13.46 34.08
N GLY A 313 -8.93 13.82 33.81
CA GLY A 313 -9.69 14.79 34.56
C GLY A 313 -10.30 15.83 33.62
N PRO A 314 -9.45 16.54 32.87
CA PRO A 314 -10.05 17.52 31.90
C PRO A 314 -10.88 16.84 30.80
N PRO A 315 -11.87 17.53 30.26
CA PRO A 315 -12.77 16.97 29.27
C PRO A 315 -11.95 16.44 28.08
N ASN A 316 -10.73 16.98 27.82
CA ASN A 316 -10.02 16.57 26.57
C ASN A 316 -9.20 15.31 26.79
N TYR A 317 -9.24 14.77 28.02
CA TYR A 317 -8.54 13.43 28.24
C TYR A 317 -9.26 12.41 27.33
N PRO A 318 -8.52 11.77 26.42
CA PRO A 318 -9.17 11.14 25.25
C PRO A 318 -9.67 9.72 25.50
N PHE A 319 -9.22 9.08 26.60
CA PHE A 319 -9.42 7.61 26.68
C PHE A 319 -10.60 7.23 27.54
N SER A 320 -11.39 8.15 28.05
CA SER A 320 -12.55 7.65 28.79
C SER A 320 -13.75 7.41 27.88
N ASP A 321 -13.83 8.08 26.72
CA ASP A 321 -14.85 7.70 25.72
C ASP A 321 -14.66 6.27 25.17
N GLU A 322 -15.75 5.66 24.71
CA GLU A 322 -15.65 4.38 24.00
C GLU A 322 -14.61 4.37 22.85
N TYR A 323 -14.62 5.41 22.04
CA TYR A 323 -13.54 5.54 21.03
C TYR A 323 -13.53 7.04 20.69
N ASP B 2 4.05 14.57 -6.91
CA ASP B 2 3.71 13.65 -8.04
C ASP B 2 4.89 12.78 -8.52
N SER B 3 6.03 12.87 -7.86
CA SER B 3 7.11 11.91 -8.16
C SER B 3 7.06 10.66 -7.23
N LYS B 4 6.22 10.69 -6.19
CA LYS B 4 5.97 9.46 -5.39
C LYS B 4 4.66 8.79 -5.86
N TYR B 5 4.52 7.51 -5.60
CA TYR B 5 3.26 6.85 -5.94
C TYR B 5 3.29 5.48 -5.24
N GLN B 6 2.13 4.89 -5.03
CA GLN B 6 2.03 3.68 -4.24
C GLN B 6 2.42 2.44 -5.04
N CYS B 7 3.41 1.69 -4.53
CA CYS B 7 3.92 0.47 -5.13
C CYS B 7 3.92 -0.69 -4.12
N VAL B 8 3.96 -1.92 -4.62
CA VAL B 8 4.10 -3.14 -3.72
C VAL B 8 5.44 -3.80 -4.09
N LYS B 9 6.18 -4.31 -3.10
CA LYS B 9 7.38 -5.08 -3.46
C LYS B 9 7.04 -6.50 -3.94
N LEU B 10 7.55 -6.88 -5.10
CA LEU B 10 7.43 -8.21 -5.59
C LEU B 10 8.50 -9.15 -5.03
N ASN B 11 8.27 -10.45 -5.24
CA ASN B 11 9.18 -11.44 -4.62
C ASN B 11 10.55 -11.51 -5.22
N ASP B 12 10.79 -10.79 -6.30
CA ASP B 12 12.11 -10.72 -6.88
C ASP B 12 12.82 -9.41 -6.52
N GLY B 13 12.20 -8.62 -5.63
CA GLY B 13 12.78 -7.31 -5.20
C GLY B 13 12.40 -6.06 -5.98
N HIS B 14 11.75 -6.23 -7.13
CA HIS B 14 11.25 -5.11 -7.94
C HIS B 14 9.99 -4.59 -7.36
N PHE B 15 9.58 -3.41 -7.74
CA PHE B 15 8.36 -2.80 -7.25
C PHE B 15 7.36 -2.58 -8.35
N MET B 16 6.10 -2.85 -8.03
CA MET B 16 5.00 -2.73 -8.98
C MET B 16 4.01 -1.70 -8.47
N PRO B 17 3.73 -0.69 -9.28
CA PRO B 17 2.71 0.27 -8.81
C PRO B 17 1.33 -0.42 -8.67
N VAL B 18 0.56 -0.04 -7.65
CA VAL B 18 -0.59 -0.87 -7.34
C VAL B 18 -1.84 -0.57 -8.19
N LEU B 19 -1.83 0.55 -8.89
CA LEU B 19 -2.93 0.80 -9.89
C LEU B 19 -2.26 0.72 -11.27
N GLY B 20 -2.83 -0.10 -12.14
CA GLY B 20 -2.31 -0.26 -13.51
C GLY B 20 -3.36 0.12 -14.52
N PHE B 21 -2.89 0.59 -15.67
CA PHE B 21 -3.78 1.06 -16.73
C PHE B 21 -3.95 -0.04 -17.78
N GLY B 22 -5.21 -0.48 -17.99
CA GLY B 22 -5.51 -1.56 -18.90
C GLY B 22 -5.60 -0.99 -20.30
N THR B 23 -5.07 -1.75 -21.28
CA THR B 23 -5.08 -1.20 -22.63
C THR B 23 -5.81 -2.01 -23.67
N TYR B 24 -6.41 -3.13 -23.27
CA TYR B 24 -7.24 -3.87 -24.24
C TYR B 24 -8.50 -3.12 -24.62
N ALA B 25 -8.80 -3.06 -25.92
CA ALA B 25 -10.11 -2.57 -26.30
C ALA B 25 -10.65 -3.49 -27.39
N PRO B 26 -12.00 -3.60 -27.50
CA PRO B 26 -12.57 -4.48 -28.49
C PRO B 26 -12.19 -4.04 -29.94
N ALA B 27 -12.14 -5.03 -30.82
CA ALA B 27 -11.76 -4.93 -32.22
C ALA B 27 -12.19 -3.65 -32.96
N GLU B 28 -13.42 -3.23 -32.73
CA GLU B 28 -14.01 -2.07 -33.41
C GLU B 28 -13.34 -0.73 -33.06
N VAL B 29 -12.68 -0.65 -31.89
CA VAL B 29 -12.00 0.56 -31.49
C VAL B 29 -10.67 0.77 -32.23
N PRO B 30 -10.52 1.91 -32.88
CA PRO B 30 -9.24 2.07 -33.57
C PRO B 30 -7.99 2.10 -32.62
N LYS B 31 -6.87 1.60 -33.14
CA LYS B 31 -5.72 1.52 -32.31
C LYS B 31 -5.18 2.92 -31.97
N SER B 32 -5.51 3.95 -32.76
CA SER B 32 -5.05 5.30 -32.40
C SER B 32 -5.61 5.68 -30.98
N LYS B 33 -6.69 5.07 -30.56
CA LYS B 33 -7.28 5.40 -29.23
C LYS B 33 -6.39 4.85 -28.15
N ALA B 34 -5.64 3.80 -28.46
CA ALA B 34 -4.67 3.26 -27.49
C ALA B 34 -3.52 4.22 -27.26
N LEU B 35 -2.98 4.74 -28.35
CA LEU B 35 -1.90 5.72 -28.25
C LEU B 35 -2.34 6.91 -27.37
N GLU B 36 -3.52 7.44 -27.67
CA GLU B 36 -3.98 8.64 -27.00
C GLU B 36 -4.32 8.33 -25.52
N ALA B 37 -4.97 7.17 -25.33
CA ALA B 37 -5.29 6.76 -23.96
C ALA B 37 -4.08 6.51 -23.03
N VAL B 38 -2.99 5.88 -23.52
CA VAL B 38 -1.87 5.67 -22.63
C VAL B 38 -1.16 7.02 -22.32
N LYS B 39 -1.10 7.91 -23.33
CA LYS B 39 -0.62 9.29 -23.03
C LYS B 39 -1.46 10.01 -21.96
N LEU B 40 -2.80 9.99 -22.09
CA LEU B 40 -3.63 10.51 -20.98
C LEU B 40 -3.42 9.85 -19.63
N ALA B 41 -3.18 8.51 -19.62
CA ALA B 41 -3.09 7.77 -18.37
C ALA B 41 -1.79 8.21 -17.68
N ILE B 42 -0.74 8.37 -18.49
CA ILE B 42 0.54 8.76 -17.89
C ILE B 42 0.40 10.18 -17.35
N GLU B 43 -0.29 11.03 -18.14
CA GLU B 43 -0.52 12.42 -17.76
C GLU B 43 -1.36 12.48 -16.46
N ALA B 44 -2.26 11.50 -16.23
CA ALA B 44 -3.17 11.46 -15.05
C ALA B 44 -2.47 10.93 -13.79
N GLY B 45 -1.27 10.32 -13.97
CA GLY B 45 -0.50 9.76 -12.84
C GLY B 45 -0.47 8.21 -12.79
N PHE B 46 -0.90 7.51 -13.85
CA PHE B 46 -0.65 6.02 -13.94
C PHE B 46 0.83 5.81 -14.24
N HIS B 47 1.47 4.93 -13.46
CA HIS B 47 2.87 4.56 -13.68
C HIS B 47 3.04 3.09 -14.11
N HIS B 48 1.95 2.33 -14.18
CA HIS B 48 1.89 0.89 -14.56
C HIS B 48 0.97 0.79 -15.74
N ILE B 49 1.47 0.21 -16.82
CA ILE B 49 0.78 0.07 -18.06
C ILE B 49 0.78 -1.41 -18.47
N ASP B 50 -0.38 -1.96 -18.77
CA ASP B 50 -0.54 -3.39 -19.06
C ASP B 50 -1.04 -3.59 -20.47
N SER B 51 -0.24 -4.33 -21.22
CA SER B 51 -0.62 -4.75 -22.54
C SER B 51 -0.20 -6.24 -22.81
N ALA B 52 -0.22 -6.61 -24.08
CA ALA B 52 0.06 -7.99 -24.45
C ALA B 52 0.26 -8.07 -25.94
N HIS B 53 0.97 -9.08 -26.41
CA HIS B 53 1.16 -9.18 -27.84
C HIS B 53 -0.23 -9.25 -28.52
N VAL B 54 -1.09 -10.06 -27.94
CA VAL B 54 -2.35 -10.42 -28.53
C VAL B 54 -3.36 -9.26 -28.62
N TYR B 55 -3.11 -8.21 -27.89
CA TYR B 55 -3.97 -7.05 -27.95
C TYR B 55 -3.74 -6.23 -29.23
N ASN B 56 -2.67 -6.56 -29.97
CA ASN B 56 -2.37 -5.85 -31.22
C ASN B 56 -2.25 -4.32 -31.07
N ASN B 57 -1.75 -3.85 -29.92
CA ASN B 57 -1.61 -2.42 -29.69
C ASN B 57 -0.18 -2.01 -29.24
N GLU B 58 0.78 -2.96 -29.20
CA GLU B 58 2.06 -2.57 -28.60
C GLU B 58 2.82 -1.46 -29.37
N GLU B 59 2.70 -1.41 -30.70
CA GLU B 59 3.30 -0.33 -31.47
C GLU B 59 2.80 1.01 -30.87
N GLN B 60 1.48 1.10 -30.67
CA GLN B 60 0.86 2.35 -30.13
C GLN B 60 1.18 2.60 -28.68
N VAL B 61 1.13 1.54 -27.87
CA VAL B 61 1.45 1.69 -26.44
C VAL B 61 2.88 2.09 -26.19
N GLY B 62 3.78 1.45 -26.92
CA GLY B 62 5.20 1.77 -26.94
C GLY B 62 5.45 3.22 -27.37
N LEU B 63 4.80 3.63 -28.45
CA LEU B 63 4.94 5.03 -28.85
C LEU B 63 4.44 6.06 -27.80
N ALA B 64 3.30 5.76 -27.13
CA ALA B 64 2.80 6.60 -26.04
C ALA B 64 3.81 6.77 -24.96
N ILE B 65 4.38 5.65 -24.54
CA ILE B 65 5.40 5.70 -23.47
C ILE B 65 6.57 6.56 -23.90
N ARG B 66 7.08 6.29 -25.08
CA ARG B 66 8.24 7.08 -25.51
C ARG B 66 7.95 8.53 -25.73
N SER B 67 6.73 8.81 -26.19
CA SER B 67 6.31 10.18 -26.39
C SER B 67 6.31 10.98 -25.05
N LYS B 68 5.88 10.33 -23.96
CA LYS B 68 5.83 10.97 -22.66
C LYS B 68 7.18 11.02 -21.99
N ILE B 69 8.09 10.08 -22.36
CA ILE B 69 9.51 10.16 -21.90
C ILE B 69 10.19 11.37 -22.58
N ALA B 70 9.99 11.43 -23.90
CA ALA B 70 10.67 12.46 -24.68
C ALA B 70 10.19 13.85 -24.33
N ASP B 71 8.96 13.99 -23.84
CA ASP B 71 8.44 15.28 -23.48
C ASP B 71 8.82 15.71 -22.07
N GLY B 72 9.59 14.87 -21.43
CA GLY B 72 10.00 15.06 -20.04
C GLY B 72 8.95 14.76 -18.98
N SER B 73 7.80 14.19 -19.33
CA SER B 73 6.74 13.94 -18.34
C SER B 73 7.15 12.87 -17.38
N VAL B 74 7.78 11.86 -17.89
CA VAL B 74 8.12 10.74 -17.04
C VAL B 74 9.46 10.19 -17.49
N LYS B 75 10.16 9.50 -16.58
CA LYS B 75 11.41 8.80 -16.93
C LYS B 75 11.12 7.28 -17.16
N ARG B 76 11.91 6.58 -17.97
CA ARG B 76 11.62 5.13 -18.18
C ARG B 76 11.54 4.36 -16.85
N GLU B 77 12.40 4.71 -15.88
CA GLU B 77 12.44 3.99 -14.60
C GLU B 77 11.20 4.25 -13.76
N ASP B 78 10.40 5.23 -14.13
CA ASP B 78 9.14 5.38 -13.46
C ASP B 78 7.90 4.92 -14.22
N ILE B 79 8.13 4.19 -15.30
CA ILE B 79 7.02 3.44 -15.95
C ILE B 79 7.26 1.94 -15.71
N PHE B 80 6.18 1.22 -15.33
CA PHE B 80 6.20 -0.24 -15.13
C PHE B 80 5.31 -0.75 -16.27
N TYR B 81 5.97 -1.35 -17.27
CA TYR B 81 5.30 -1.82 -18.44
C TYR B 81 5.22 -3.35 -18.47
N THR B 82 4.01 -3.83 -18.67
CA THR B 82 3.79 -5.33 -18.73
C THR B 82 3.40 -5.82 -20.14
N SER B 83 4.08 -6.87 -20.62
CA SER B 83 3.60 -7.53 -21.86
C SER B 83 3.29 -8.98 -21.52
N LYS B 84 2.70 -9.70 -22.50
CA LYS B 84 2.36 -11.08 -22.21
C LYS B 84 2.64 -11.93 -23.46
N LEU B 85 3.13 -13.15 -23.19
CA LEU B 85 3.44 -14.20 -24.15
C LEU B 85 2.12 -14.89 -24.54
N TRP B 86 1.81 -14.83 -25.82
CA TRP B 86 0.60 -15.44 -26.29
C TRP B 86 0.81 -16.96 -26.50
N SER B 87 -0.32 -17.67 -26.54
CA SER B 87 -0.38 -19.16 -26.50
C SER B 87 0.15 -19.85 -27.77
N ASN B 88 0.31 -19.09 -28.87
CA ASN B 88 0.97 -19.66 -30.06
C ASN B 88 2.47 -19.68 -29.93
N SER B 89 2.98 -19.14 -28.84
CA SER B 89 4.40 -19.12 -28.56
C SER B 89 4.86 -19.80 -27.27
N HIS B 90 4.06 -20.73 -26.72
CA HIS B 90 4.54 -21.45 -25.54
C HIS B 90 5.73 -22.37 -25.75
N ARG B 91 5.89 -22.89 -26.98
CA ARG B 91 7.07 -23.77 -27.12
C ARG B 91 8.31 -23.00 -26.71
N PRO B 92 9.21 -23.62 -25.94
CA PRO B 92 10.27 -22.81 -25.38
C PRO B 92 11.08 -22.10 -26.46
N GLU B 93 11.22 -22.71 -27.65
CA GLU B 93 12.09 -22.09 -28.65
C GLU B 93 11.41 -20.87 -29.26
N LEU B 94 10.12 -20.64 -28.95
CA LEU B 94 9.38 -19.48 -29.45
C LEU B 94 9.19 -18.32 -28.42
N VAL B 95 9.60 -18.55 -27.19
CA VAL B 95 9.40 -17.58 -26.09
C VAL B 95 10.24 -16.33 -26.30
N ARG B 96 11.56 -16.48 -26.42
CA ARG B 96 12.38 -15.25 -26.67
C ARG B 96 12.05 -14.57 -28.00
N PRO B 97 11.78 -15.34 -29.09
CA PRO B 97 11.38 -14.60 -30.30
C PRO B 97 10.06 -13.78 -30.12
N ALA B 98 9.13 -14.26 -29.29
CA ALA B 98 7.90 -13.54 -29.04
C ALA B 98 8.24 -12.30 -28.20
N LEU B 99 9.11 -12.45 -27.22
CA LEU B 99 9.46 -11.27 -26.37
C LEU B 99 10.19 -10.25 -27.22
N GLU B 100 11.13 -10.74 -28.07
CA GLU B 100 11.86 -9.79 -28.94
C GLU B 100 10.91 -9.10 -29.88
N ARG B 101 9.93 -9.82 -30.37
CA ARG B 101 8.97 -9.23 -31.30
C ARG B 101 8.17 -8.13 -30.60
N SER B 102 7.70 -8.40 -29.40
CA SER B 102 7.06 -7.34 -28.62
C SER B 102 7.97 -6.11 -28.39
N LEU B 103 9.26 -6.35 -28.01
CA LEU B 103 10.19 -5.25 -27.75
C LEU B 103 10.42 -4.41 -29.03
N LYS B 104 10.44 -5.07 -30.21
CA LYS B 104 10.72 -4.35 -31.48
C LYS B 104 9.49 -3.51 -31.77
N ASN B 105 8.29 -4.04 -31.51
CA ASN B 105 7.07 -3.30 -31.83
C ASN B 105 7.00 -2.09 -30.87
N LEU B 106 7.33 -2.32 -29.61
CA LEU B 106 7.36 -1.22 -28.60
C LEU B 106 8.48 -0.17 -28.78
N GLN B 107 9.57 -0.62 -29.41
CA GLN B 107 10.85 0.10 -29.40
C GLN B 107 11.34 0.39 -28.01
N LEU B 108 11.19 -0.57 -27.07
CA LEU B 108 11.75 -0.43 -25.77
C LEU B 108 12.84 -1.48 -25.65
N ASP B 109 13.79 -1.28 -24.75
CA ASP B 109 14.91 -2.23 -24.53
C ASP B 109 14.48 -3.35 -23.62
N TYR B 110 13.43 -3.14 -22.81
CA TYR B 110 13.00 -4.20 -21.89
C TYR B 110 11.57 -4.01 -21.46
N VAL B 111 10.89 -5.10 -21.06
CA VAL B 111 9.59 -4.90 -20.33
C VAL B 111 9.90 -5.03 -18.81
N ASP B 112 9.08 -4.42 -17.96
CA ASP B 112 9.18 -4.57 -16.53
C ASP B 112 8.61 -5.86 -16.07
N LEU B 113 7.65 -6.37 -16.85
CA LEU B 113 6.97 -7.65 -16.50
C LEU B 113 6.62 -8.38 -17.76
N TYR B 114 6.91 -9.69 -17.76
CA TYR B 114 6.42 -10.51 -18.90
C TYR B 114 5.66 -11.68 -18.31
N LEU B 115 4.46 -11.87 -18.82
CA LEU B 115 3.57 -12.96 -18.27
C LEU B 115 3.33 -14.03 -19.31
N ILE B 116 3.13 -15.26 -18.80
CA ILE B 116 2.50 -16.24 -19.61
C ILE B 116 1.01 -15.84 -19.62
N HIS B 117 0.46 -15.56 -20.79
CA HIS B 117 -0.89 -14.93 -20.85
C HIS B 117 -1.97 -15.93 -20.45
N PHE B 118 -1.83 -17.19 -20.87
CA PHE B 118 -3.03 -18.12 -20.71
C PHE B 118 -2.41 -19.50 -20.83
N PRO B 119 -2.80 -20.44 -19.93
CA PRO B 119 -1.99 -21.62 -19.80
C PRO B 119 -2.33 -22.67 -20.92
N VAL B 120 -3.38 -22.48 -21.70
CA VAL B 120 -3.67 -23.45 -22.79
C VAL B 120 -2.83 -23.03 -24.00
N SER B 121 -2.09 -23.98 -24.61
CA SER B 121 -1.27 -23.63 -25.80
C SER B 121 -2.06 -23.91 -27.08
N VAL B 122 -1.74 -23.15 -28.13
CA VAL B 122 -2.33 -23.47 -29.41
C VAL B 122 -1.18 -23.63 -30.41
N LYS B 123 -1.54 -24.13 -31.61
CA LYS B 123 -0.50 -24.47 -32.60
C LYS B 123 0.32 -23.21 -32.95
N PRO B 124 1.65 -23.37 -33.08
CA PRO B 124 2.53 -22.26 -33.40
C PRO B 124 2.46 -21.82 -34.81
N GLY B 125 3.05 -20.66 -35.03
CA GLY B 125 2.90 -20.04 -36.31
C GLY B 125 2.38 -18.66 -36.06
N GLU B 126 1.92 -18.04 -37.14
CA GLU B 126 1.67 -16.62 -37.13
C GLU B 126 0.25 -16.26 -36.72
N GLU B 127 -0.75 -17.09 -37.03
CA GLU B 127 -2.12 -16.86 -36.51
C GLU B 127 -2.07 -16.92 -34.98
N VAL B 128 -2.81 -16.02 -34.34
CA VAL B 128 -2.85 -16.09 -32.89
C VAL B 128 -3.98 -17.01 -32.46
N ILE B 129 -4.99 -17.27 -33.33
CA ILE B 129 -6.00 -18.32 -33.01
C ILE B 129 -6.08 -19.28 -34.24
N PRO B 130 -5.20 -20.24 -34.27
CA PRO B 130 -5.15 -21.05 -35.48
C PRO B 130 -6.34 -22.02 -35.52
N LYS B 131 -6.98 -22.16 -36.70
CA LYS B 131 -8.17 -22.98 -36.80
C LYS B 131 -8.02 -24.05 -37.85
N ASP B 132 -8.75 -25.15 -37.68
CA ASP B 132 -8.84 -26.21 -38.72
C ASP B 132 -9.83 -25.90 -39.82
N GLU B 133 -9.90 -26.84 -40.77
CA GLU B 133 -10.85 -26.76 -41.90
C GLU B 133 -12.29 -26.29 -41.53
N ASN B 134 -12.82 -26.71 -40.38
CA ASN B 134 -14.17 -26.30 -40.00
C ASN B 134 -14.24 -25.16 -38.99
N GLY B 135 -13.17 -24.38 -38.88
CA GLY B 135 -13.11 -23.30 -37.89
C GLY B 135 -12.88 -23.66 -36.41
N LYS B 136 -12.50 -24.89 -36.10
CA LYS B 136 -12.13 -25.29 -34.71
C LYS B 136 -10.69 -24.98 -34.32
N ILE B 137 -10.45 -24.59 -33.07
CA ILE B 137 -9.10 -24.20 -32.67
C ILE B 137 -8.15 -25.40 -32.73
N LEU B 138 -6.95 -25.18 -33.23
CA LEU B 138 -5.91 -26.23 -33.17
C LEU B 138 -5.05 -26.06 -31.94
N PHE B 139 -5.21 -26.98 -30.98
CA PHE B 139 -4.46 -26.91 -29.76
C PHE B 139 -3.10 -27.55 -29.89
N ASP B 140 -2.21 -27.30 -28.94
CA ASP B 140 -0.85 -27.83 -28.95
C ASP B 140 -0.62 -28.37 -27.55
N THR B 141 0.41 -29.22 -27.36
CA THR B 141 0.76 -29.93 -26.14
C THR B 141 2.11 -29.39 -25.75
N VAL B 142 2.15 -28.48 -24.79
CA VAL B 142 3.47 -27.95 -24.45
C VAL B 142 3.56 -28.05 -22.94
N ASP B 143 4.74 -28.42 -22.47
CA ASP B 143 5.02 -28.49 -21.02
C ASP B 143 5.31 -27.05 -20.54
N LEU B 144 4.37 -26.49 -19.80
CA LEU B 144 4.59 -25.14 -19.21
C LEU B 144 5.85 -24.97 -18.34
N CYS B 145 6.33 -26.03 -17.67
CA CYS B 145 7.60 -25.92 -17.00
C CYS B 145 8.74 -25.57 -17.96
N ALA B 146 8.70 -26.06 -19.20
CA ALA B 146 9.74 -25.72 -20.18
C ALA B 146 9.58 -24.25 -20.63
N THR B 147 8.31 -23.85 -20.81
CA THR B 147 8.00 -22.48 -21.13
C THR B 147 8.57 -21.61 -20.05
N TRP B 148 8.34 -21.98 -18.80
CA TRP B 148 8.76 -21.18 -17.67
C TRP B 148 10.28 -21.03 -17.66
N GLU B 149 11.00 -22.14 -17.90
CA GLU B 149 12.45 -22.03 -18.02
C GLU B 149 12.92 -21.03 -19.07
N ALA B 150 12.21 -20.93 -20.19
CA ALA B 150 12.55 -19.99 -21.23
C ALA B 150 12.25 -18.60 -20.74
N MET B 151 11.18 -18.45 -19.93
CA MET B 151 10.90 -17.15 -19.29
C MET B 151 12.02 -16.72 -18.35
N GLU B 152 12.56 -17.64 -17.54
CA GLU B 152 13.62 -17.34 -16.59
C GLU B 152 14.83 -16.88 -17.43
N LYS B 153 15.07 -17.52 -18.56
CA LYS B 153 16.22 -17.04 -19.39
C LYS B 153 16.01 -15.61 -19.94
N CYS B 154 14.76 -15.19 -20.23
CA CYS B 154 14.50 -13.83 -20.66
C CYS B 154 14.78 -12.82 -19.54
N LYS B 155 14.52 -13.21 -18.28
CA LYS B 155 14.82 -12.37 -17.14
C LYS B 155 16.33 -12.28 -16.98
N ASP B 156 17.01 -13.42 -17.17
CA ASP B 156 18.48 -13.40 -16.99
C ASP B 156 19.17 -12.59 -18.07
N ALA B 157 18.51 -12.45 -19.23
CA ALA B 157 19.01 -11.69 -20.39
C ALA B 157 18.73 -10.22 -20.21
N GLY B 158 17.93 -9.88 -19.20
CA GLY B 158 17.55 -8.49 -18.90
C GLY B 158 16.43 -7.92 -19.77
N LEU B 159 15.72 -8.79 -20.48
CA LEU B 159 14.75 -8.31 -21.44
C LEU B 159 13.40 -8.14 -20.74
N ALA B 160 13.25 -8.85 -19.63
CA ALA B 160 12.05 -8.72 -18.71
C ALA B 160 12.66 -8.54 -17.32
N LYS B 161 12.35 -7.44 -16.63
CA LYS B 161 12.88 -7.25 -15.26
C LYS B 161 12.27 -8.30 -14.29
N SER B 162 10.98 -8.56 -14.46
CA SER B 162 10.25 -9.58 -13.66
C SER B 162 9.44 -10.50 -14.61
N ILE B 163 9.19 -11.74 -14.14
CA ILE B 163 8.31 -12.65 -14.87
C ILE B 163 7.22 -13.18 -14.00
N GLY B 164 6.05 -13.46 -14.61
CA GLY B 164 4.88 -13.98 -13.82
C GLY B 164 3.96 -14.68 -14.80
N VAL B 165 2.72 -14.89 -14.34
CA VAL B 165 1.74 -15.66 -15.08
C VAL B 165 0.40 -14.98 -15.02
N SER B 166 -0.45 -15.44 -15.89
CA SER B 166 -1.82 -14.92 -15.95
C SER B 166 -2.78 -16.08 -16.17
N ASN B 167 -3.94 -16.02 -15.53
CA ASN B 167 -4.96 -17.02 -15.71
C ASN B 167 -4.49 -18.41 -15.25
N PHE B 168 -3.57 -18.47 -14.27
CA PHE B 168 -3.17 -19.74 -13.64
C PHE B 168 -4.08 -20.06 -12.47
N ASN B 169 -4.37 -21.35 -12.30
CA ASN B 169 -5.13 -21.78 -11.10
C ASN B 169 -4.12 -22.36 -10.08
N HIS B 170 -4.65 -22.84 -8.93
CA HIS B 170 -3.88 -23.43 -7.88
C HIS B 170 -2.90 -24.48 -8.42
N ARG B 171 -3.43 -25.38 -9.20
CA ARG B 171 -2.68 -26.56 -9.64
C ARG B 171 -1.53 -26.11 -10.52
N LEU B 172 -1.87 -25.24 -11.45
CA LEU B 172 -0.84 -24.70 -12.36
C LEU B 172 0.27 -23.88 -11.65
N LEU B 173 -0.10 -23.11 -10.60
CA LEU B 173 0.92 -22.38 -9.86
C LEU B 173 1.80 -23.42 -9.15
N GLU B 174 1.19 -24.42 -8.51
CA GLU B 174 2.01 -25.46 -7.87
C GLU B 174 2.94 -26.16 -8.84
N MET B 175 2.49 -26.43 -10.06
CA MET B 175 3.35 -27.02 -11.06
C MET B 175 4.64 -26.23 -11.19
N ILE B 176 4.50 -24.92 -11.34
CA ILE B 176 5.70 -24.07 -11.40
C ILE B 176 6.55 -24.01 -10.15
N LEU B 177 5.89 -23.79 -9.00
CA LEU B 177 6.55 -23.64 -7.71
C LEU B 177 7.30 -24.94 -7.38
N ASN B 178 6.77 -26.09 -7.80
CA ASN B 178 7.42 -27.36 -7.47
C ASN B 178 8.38 -27.84 -8.54
N LYS B 179 8.66 -27.06 -9.59
CA LYS B 179 9.50 -27.54 -10.66
C LYS B 179 10.94 -27.72 -10.18
N PRO B 180 11.59 -28.88 -10.47
CA PRO B 180 13.00 -29.02 -10.05
C PRO B 180 13.81 -27.94 -10.67
N GLY B 181 14.76 -27.38 -9.94
CA GLY B 181 15.65 -26.45 -10.63
C GLY B 181 15.04 -25.05 -10.83
N LEU B 182 13.86 -24.78 -10.27
CA LEU B 182 13.23 -23.43 -10.38
C LEU B 182 14.19 -22.37 -9.96
N LYS B 183 14.40 -21.38 -10.78
CA LYS B 183 15.21 -20.22 -10.43
C LYS B 183 14.37 -19.00 -9.95
N TYR B 184 13.25 -18.68 -10.64
CA TYR B 184 12.43 -17.49 -10.28
C TYR B 184 10.97 -17.91 -10.16
N LYS B 185 10.37 -17.67 -8.99
CA LYS B 185 8.97 -17.88 -8.83
C LYS B 185 8.31 -16.81 -9.71
N PRO B 186 7.12 -17.06 -10.18
CA PRO B 186 6.33 -15.93 -10.71
C PRO B 186 6.10 -14.84 -9.69
N VAL B 187 6.14 -13.56 -10.12
CA VAL B 187 5.95 -12.52 -9.14
C VAL B 187 4.48 -12.28 -8.91
N CYS B 188 3.70 -12.70 -9.88
CA CYS B 188 2.28 -12.38 -9.84
C CYS B 188 1.53 -13.45 -10.58
N ASN B 189 0.21 -13.43 -10.37
CA ASN B 189 -0.83 -14.15 -11.15
C ASN B 189 -1.93 -13.14 -11.46
N GLN B 190 -1.99 -12.75 -12.73
CA GLN B 190 -3.02 -11.78 -13.13
C GLN B 190 -4.29 -12.49 -13.58
N VAL B 191 -5.41 -12.24 -12.87
CA VAL B 191 -6.64 -13.03 -13.11
C VAL B 191 -7.80 -12.11 -13.01
N GLU B 192 -8.91 -12.57 -13.56
CA GLU B 192 -10.17 -11.84 -13.40
C GLU B 192 -10.50 -11.70 -11.88
N CYS B 193 -10.81 -10.49 -11.44
CA CYS B 193 -11.14 -10.27 -10.06
C CYS B 193 -12.00 -9.00 -9.79
N HIS B 194 -13.12 -9.19 -9.14
CA HIS B 194 -14.05 -8.16 -8.86
C HIS B 194 -15.01 -8.68 -7.80
N PRO B 195 -15.86 -7.69 -7.36
CA PRO B 195 -16.76 -8.15 -6.27
C PRO B 195 -17.68 -9.36 -6.57
N TYR B 196 -18.02 -9.57 -7.84
CA TYR B 196 -18.84 -10.72 -8.18
C TYR B 196 -18.03 -12.02 -8.29
N PHE B 197 -16.72 -11.88 -8.35
CA PHE B 197 -15.84 -13.03 -8.44
C PHE B 197 -14.52 -12.71 -7.71
N ASN B 198 -14.55 -12.71 -6.39
CA ASN B 198 -13.50 -12.06 -5.64
C ASN B 198 -12.22 -12.85 -5.41
N GLN B 199 -12.20 -14.10 -5.80
CA GLN B 199 -11.00 -14.92 -5.83
C GLN B 199 -10.33 -15.13 -4.49
N ARG B 200 -11.13 -15.07 -3.42
CA ARG B 200 -10.52 -15.11 -2.12
C ARG B 200 -9.70 -16.38 -1.95
N LYS B 201 -10.20 -17.52 -2.43
CA LYS B 201 -9.36 -18.76 -2.29
C LYS B 201 -7.98 -18.67 -2.98
N LEU B 202 -7.99 -18.27 -4.26
CA LEU B 202 -6.80 -18.10 -5.06
C LEU B 202 -5.94 -16.99 -4.49
N LEU B 203 -6.59 -15.93 -4.05
CA LEU B 203 -5.84 -14.78 -3.43
C LEU B 203 -5.05 -15.24 -2.18
N ASP B 204 -5.72 -15.98 -1.27
CA ASP B 204 -5.04 -16.49 -0.09
C ASP B 204 -3.90 -17.38 -0.43
N PHE B 205 -4.12 -18.25 -1.40
CA PHE B 205 -3.05 -19.16 -1.77
C PHE B 205 -1.88 -18.32 -2.32
N CYS B 206 -2.17 -17.40 -3.22
CA CYS B 206 -1.09 -16.53 -3.73
C CYS B 206 -0.37 -15.80 -2.60
N LYS B 207 -1.10 -15.22 -1.65
CA LYS B 207 -0.39 -14.52 -0.54
C LYS B 207 0.50 -15.47 0.23
N SER B 208 0.04 -16.71 0.46
CA SER B 208 0.87 -17.73 1.21
C SER B 208 2.18 -18.08 0.48
N LYS B 209 2.26 -17.83 -0.83
CA LYS B 209 3.41 -18.19 -1.66
C LYS B 209 4.19 -16.99 -2.13
N ASP B 210 3.88 -15.82 -1.53
CA ASP B 210 4.47 -14.51 -1.86
C ASP B 210 4.30 -14.17 -3.35
N ILE B 211 3.11 -14.43 -3.89
CA ILE B 211 2.77 -14.08 -5.26
C ILE B 211 1.69 -12.98 -5.17
N VAL B 212 1.84 -11.90 -5.92
CA VAL B 212 0.82 -10.86 -5.92
C VAL B 212 -0.26 -11.15 -6.93
N LEU B 213 -1.52 -11.08 -6.52
CA LEU B 213 -2.59 -11.24 -7.44
C LEU B 213 -2.87 -9.87 -8.05
N VAL B 214 -2.96 -9.84 -9.38
CA VAL B 214 -3.27 -8.64 -10.13
C VAL B 214 -4.64 -8.84 -10.77
N ALA B 215 -5.55 -7.94 -10.48
CA ALA B 215 -6.93 -8.04 -10.97
C ALA B 215 -7.17 -7.38 -12.33
N TYR B 216 -7.62 -8.19 -13.29
CA TYR B 216 -8.29 -7.64 -14.48
C TYR B 216 -9.78 -7.75 -14.46
N SER B 217 -10.44 -7.03 -15.40
CA SER B 217 -11.90 -6.97 -15.38
C SER B 217 -12.40 -6.53 -13.99
N ALA B 218 -11.62 -5.71 -13.33
CA ALA B 218 -11.99 -5.25 -12.00
C ALA B 218 -13.24 -4.32 -12.00
N LEU B 219 -13.57 -3.71 -13.12
CA LEU B 219 -14.75 -2.89 -13.31
C LEU B 219 -15.87 -3.69 -13.97
N GLY B 220 -15.71 -5.00 -14.07
CA GLY B 220 -16.71 -5.84 -14.67
C GLY B 220 -16.55 -6.24 -16.15
N SER B 221 -15.40 -5.88 -16.70
CA SER B 221 -14.96 -6.26 -18.02
C SER B 221 -15.49 -5.36 -19.09
N HIS B 222 -14.89 -5.52 -20.25
CA HIS B 222 -15.30 -4.84 -21.44
C HIS B 222 -16.67 -5.25 -21.91
N ARG B 223 -17.12 -6.39 -21.45
CA ARG B 223 -18.35 -6.99 -21.88
C ARG B 223 -18.46 -7.24 -23.42
N GLU B 224 -17.33 -7.44 -24.08
CA GLU B 224 -17.33 -7.70 -25.51
C GLU B 224 -17.93 -9.06 -25.87
N GLU B 225 -18.89 -9.10 -26.79
CA GLU B 225 -19.42 -10.40 -27.24
C GLU B 225 -18.55 -10.91 -28.38
N PRO B 226 -18.38 -12.23 -28.55
CA PRO B 226 -19.02 -13.29 -27.79
C PRO B 226 -18.23 -13.66 -26.52
N TRP B 227 -17.28 -12.85 -26.07
CA TRP B 227 -16.40 -13.33 -25.00
C TRP B 227 -17.04 -13.25 -23.66
N VAL B 228 -17.98 -12.34 -23.55
CA VAL B 228 -18.67 -12.13 -22.28
C VAL B 228 -20.14 -12.29 -22.59
N ASP B 229 -20.81 -13.14 -21.80
CA ASP B 229 -22.26 -13.42 -21.88
C ASP B 229 -23.03 -12.11 -21.62
N PRO B 230 -23.82 -11.64 -22.64
CA PRO B 230 -24.54 -10.37 -22.56
C PRO B 230 -25.59 -10.40 -21.45
N ASN B 231 -25.95 -11.57 -20.99
CA ASN B 231 -26.90 -11.73 -19.85
C ASN B 231 -26.28 -11.68 -18.49
N SER B 232 -24.95 -11.62 -18.41
CA SER B 232 -24.30 -11.61 -17.09
C SER B 232 -24.67 -10.26 -16.48
N PRO B 233 -24.80 -10.22 -15.14
CA PRO B 233 -25.14 -8.93 -14.48
C PRO B 233 -24.07 -7.87 -14.72
N VAL B 234 -24.47 -6.60 -14.82
CA VAL B 234 -23.50 -5.52 -15.01
C VAL B 234 -22.97 -5.15 -13.66
N LEU B 235 -21.68 -5.41 -13.45
CA LEU B 235 -21.09 -5.11 -12.10
C LEU B 235 -21.47 -3.76 -11.52
N LEU B 236 -21.28 -2.72 -12.30
CA LEU B 236 -21.26 -1.36 -11.74
C LEU B 236 -22.67 -0.84 -11.52
N GLU B 237 -23.69 -1.68 -11.82
CA GLU B 237 -25.09 -1.35 -11.44
C GLU B 237 -25.43 -1.95 -10.08
N ASP B 238 -24.48 -2.66 -9.45
CA ASP B 238 -24.81 -3.29 -8.15
C ASP B 238 -25.24 -2.26 -7.06
N PRO B 239 -26.36 -2.56 -6.34
CA PRO B 239 -26.89 -1.59 -5.39
C PRO B 239 -25.96 -1.33 -4.21
N VAL B 240 -25.18 -2.33 -3.83
CA VAL B 240 -24.15 -2.13 -2.74
C VAL B 240 -23.03 -1.23 -3.19
N LEU B 241 -22.51 -1.49 -4.38
CA LEU B 241 -21.53 -0.57 -4.91
C LEU B 241 -22.14 0.80 -5.12
N CYS B 242 -23.36 0.90 -5.62
CA CYS B 242 -23.93 2.27 -5.86
C CYS B 242 -24.18 2.97 -4.53
N ALA B 243 -24.63 2.24 -3.53
CA ALA B 243 -24.84 2.85 -2.23
C ALA B 243 -23.51 3.36 -1.59
N LEU B 244 -22.44 2.58 -1.68
CA LEU B 244 -21.17 3.04 -1.14
C LEU B 244 -20.60 4.19 -1.96
N ALA B 245 -20.85 4.19 -3.28
CA ALA B 245 -20.39 5.31 -4.05
C ALA B 245 -21.12 6.58 -3.58
N LYS B 246 -22.42 6.45 -3.34
CA LYS B 246 -23.20 7.63 -2.91
C LYS B 246 -22.70 8.14 -1.55
N LYS B 247 -22.45 7.22 -0.62
CA LYS B 247 -22.00 7.56 0.72
C LYS B 247 -20.66 8.27 0.67
N HIS B 248 -19.78 7.81 -0.19
CA HIS B 248 -18.45 8.37 -0.33
C HIS B 248 -18.34 9.59 -1.29
N LYS B 249 -19.41 9.92 -1.97
CA LYS B 249 -19.34 10.91 -3.04
C LYS B 249 -18.31 10.54 -4.13
N ARG B 250 -18.30 9.23 -4.40
CA ARG B 250 -17.46 8.68 -5.46
C ARG B 250 -18.30 8.04 -6.55
N THR B 251 -17.76 7.01 -7.15
CA THR B 251 -18.47 6.29 -8.15
C THR B 251 -18.33 4.79 -7.90
N PRO B 252 -19.36 4.06 -8.51
CA PRO B 252 -19.25 2.62 -8.31
C PRO B 252 -17.87 2.05 -8.80
N ALA B 253 -17.36 2.52 -9.93
CA ALA B 253 -16.03 2.09 -10.41
C ALA B 253 -14.96 2.35 -9.31
N LEU B 254 -14.98 3.51 -8.69
CA LEU B 254 -13.93 3.82 -7.72
C LEU B 254 -14.07 2.92 -6.53
N ILE B 255 -15.30 2.61 -6.13
CA ILE B 255 -15.43 1.63 -4.99
C ILE B 255 -14.87 0.23 -5.34
N ALA B 256 -15.18 -0.24 -6.57
CA ALA B 256 -14.66 -1.55 -7.01
C ALA B 256 -13.15 -1.57 -7.03
N LEU B 257 -12.51 -0.47 -7.47
CA LEU B 257 -11.05 -0.37 -7.48
C LEU B 257 -10.48 -0.33 -6.07
N ARG B 258 -11.06 0.48 -5.20
CA ARG B 258 -10.54 0.64 -3.85
C ARG B 258 -10.57 -0.68 -3.09
N TYR B 259 -11.65 -1.42 -3.27
CA TYR B 259 -11.85 -2.72 -2.62
C TYR B 259 -10.62 -3.59 -2.86
N GLN B 260 -10.18 -3.62 -4.12
CA GLN B 260 -8.96 -4.44 -4.42
C GLN B 260 -7.72 -3.94 -3.68
N LEU B 261 -7.48 -2.63 -3.70
CA LEU B 261 -6.31 -2.11 -2.99
C LEU B 261 -6.27 -2.47 -1.53
N GLN B 262 -7.43 -2.42 -0.91
CA GLN B 262 -7.54 -2.74 0.50
C GLN B 262 -7.39 -4.20 0.83
N ARG B 263 -7.48 -5.10 -0.14
CA ARG B 263 -7.32 -6.55 0.17
C ARG B 263 -5.98 -7.05 -0.31
N GLY B 264 -5.14 -6.09 -0.64
CA GLY B 264 -3.77 -6.41 -1.09
C GLY B 264 -3.63 -6.87 -2.53
N VAL B 265 -4.57 -6.50 -3.38
CA VAL B 265 -4.52 -6.91 -4.78
C VAL B 265 -4.04 -5.65 -5.55
N VAL B 266 -3.20 -5.84 -6.56
CA VAL B 266 -2.86 -4.78 -7.54
C VAL B 266 -3.95 -4.76 -8.60
N VAL B 267 -4.49 -3.58 -8.87
CA VAL B 267 -5.69 -3.52 -9.68
C VAL B 267 -5.44 -2.79 -10.98
N LEU B 268 -5.95 -3.36 -12.08
CA LEU B 268 -5.95 -2.68 -13.41
C LEU B 268 -7.30 -1.97 -13.61
N ALA B 269 -7.28 -0.96 -14.42
CA ALA B 269 -8.53 -0.31 -14.91
C ALA B 269 -8.27 0.15 -16.29
N LYS B 270 -9.10 -0.29 -17.24
CA LYS B 270 -8.93 0.22 -18.58
C LYS B 270 -9.96 1.34 -18.76
N SER B 271 -9.54 2.47 -19.32
CA SER B 271 -10.53 3.46 -19.83
C SER B 271 -9.85 4.18 -21.00
N TYR B 272 -10.56 4.34 -22.11
CA TYR B 272 -10.08 5.24 -23.16
C TYR B 272 -10.81 6.61 -23.15
N ASN B 273 -11.48 6.96 -22.05
CA ASN B 273 -12.21 8.26 -21.91
C ASN B 273 -11.41 9.17 -21.00
N GLU B 274 -11.03 10.37 -21.45
CA GLU B 274 -10.17 11.22 -20.65
C GLU B 274 -10.70 11.50 -19.24
N GLN B 275 -12.02 11.76 -19.14
CA GLN B 275 -12.64 11.99 -17.81
C GLN B 275 -12.52 10.75 -16.92
N ARG B 276 -12.81 9.59 -17.43
CA ARG B 276 -12.77 8.41 -16.56
C ARG B 276 -11.36 8.00 -16.25
N ILE B 277 -10.43 8.18 -17.19
CA ILE B 277 -8.99 7.93 -16.84
C ILE B 277 -8.58 8.75 -15.61
N ARG B 278 -8.96 10.04 -15.57
CA ARG B 278 -8.58 10.89 -14.44
C ARG B 278 -9.36 10.49 -13.21
N GLN B 279 -10.60 10.09 -13.40
CA GLN B 279 -11.41 9.70 -12.26
C GLN B 279 -10.83 8.50 -11.57
N ASN B 280 -10.31 7.56 -12.32
CA ASN B 280 -9.88 6.31 -11.76
C ASN B 280 -8.68 6.49 -10.82
N VAL B 281 -7.88 7.51 -11.03
CA VAL B 281 -6.74 7.77 -10.11
C VAL B 281 -7.22 8.23 -8.74
N GLN B 282 -8.48 8.64 -8.64
CA GLN B 282 -9.02 9.10 -7.36
C GLN B 282 -9.07 7.93 -6.37
N VAL B 283 -8.70 6.74 -6.84
CA VAL B 283 -8.71 5.60 -5.98
C VAL B 283 -7.84 5.81 -4.75
N PHE B 284 -6.84 6.65 -4.89
CA PHE B 284 -5.97 6.97 -3.75
C PHE B 284 -6.44 8.08 -2.83
N GLU B 285 -7.68 8.56 -3.03
CA GLU B 285 -8.15 9.78 -2.33
C GLU B 285 -9.20 9.48 -1.25
N PHE B 286 -9.55 8.21 -1.07
CA PHE B 286 -10.47 7.85 0.02
C PHE B 286 -10.13 6.46 0.50
N GLN B 287 -10.83 6.03 1.55
CA GLN B 287 -10.63 4.68 2.14
C GLN B 287 -12.00 4.09 2.50
N LEU B 288 -12.11 2.75 2.40
CA LEU B 288 -13.34 2.11 2.77
C LEU B 288 -13.25 1.59 4.18
N THR B 289 -14.35 1.63 4.96
CA THR B 289 -14.26 1.13 6.32
C THR B 289 -14.39 -0.39 6.33
N SER B 290 -14.12 -1.00 7.48
CA SER B 290 -14.27 -2.47 7.59
C SER B 290 -15.66 -2.92 7.19
N GLU B 291 -16.66 -2.11 7.61
CA GLU B 291 -18.04 -2.40 7.32
C GLU B 291 -18.35 -2.40 5.81
N GLU B 292 -17.84 -1.39 5.12
CA GLU B 292 -17.96 -1.36 3.65
C GLU B 292 -17.22 -2.49 2.93
N MET B 293 -16.04 -2.84 3.44
CA MET B 293 -15.25 -3.96 2.85
C MET B 293 -16.05 -5.27 3.01
N LYS B 294 -16.63 -5.48 4.22
CA LYS B 294 -17.42 -6.66 4.45
C LYS B 294 -18.63 -6.67 3.53
N ALA B 295 -19.28 -5.53 3.26
CA ALA B 295 -20.48 -5.52 2.46
C ALA B 295 -20.09 -5.94 0.96
N ILE B 296 -18.97 -5.40 0.48
CA ILE B 296 -18.43 -5.79 -0.86
C ILE B 296 -18.04 -7.28 -0.92
N ASP B 297 -17.35 -7.76 0.13
CA ASP B 297 -17.09 -9.22 0.31
C ASP B 297 -18.36 -10.05 0.11
N GLY B 298 -19.48 -9.52 0.58
CA GLY B 298 -20.72 -10.20 0.48
C GLY B 298 -21.34 -10.42 -0.90
N LEU B 299 -20.81 -9.68 -1.86
CA LEU B 299 -21.32 -9.67 -3.22
C LEU B 299 -20.89 -10.88 -4.06
N ASN B 300 -19.91 -11.60 -3.54
CA ASN B 300 -19.30 -12.66 -4.30
C ASN B 300 -20.37 -13.62 -4.73
N ARG B 301 -20.35 -13.94 -6.01
CA ARG B 301 -21.46 -14.67 -6.56
C ARG B 301 -21.12 -15.62 -7.72
N ASN B 302 -19.86 -15.97 -7.83
CA ASN B 302 -19.46 -16.90 -8.87
C ASN B 302 -19.78 -16.45 -10.28
N VAL B 303 -19.75 -15.14 -10.55
CA VAL B 303 -19.86 -14.68 -11.91
C VAL B 303 -18.49 -14.42 -12.52
N ARG B 304 -18.12 -15.27 -13.48
CA ARG B 304 -16.85 -15.12 -14.23
C ARG B 304 -17.28 -14.57 -15.55
N TYR B 305 -16.86 -13.36 -15.88
CA TYR B 305 -17.20 -12.74 -17.16
C TYR B 305 -16.38 -13.41 -18.24
N LEU B 306 -15.13 -13.73 -17.95
CA LEU B 306 -14.25 -14.14 -19.07
C LEU B 306 -13.95 -15.59 -18.89
N THR B 307 -14.88 -16.43 -19.36
CA THR B 307 -14.71 -17.87 -19.20
C THR B 307 -13.68 -18.45 -20.18
N LEU B 308 -13.48 -17.73 -21.27
CA LEU B 308 -12.57 -18.09 -22.33
C LEU B 308 -12.80 -19.55 -22.70
N ASP B 309 -14.05 -19.92 -22.80
CA ASP B 309 -14.31 -21.36 -22.96
C ASP B 309 -14.06 -21.85 -24.40
N ILE B 310 -13.75 -20.93 -25.32
CA ILE B 310 -13.18 -21.36 -26.61
C ILE B 310 -11.86 -22.14 -26.44
N PHE B 311 -11.19 -22.01 -25.27
CA PHE B 311 -9.96 -22.75 -25.03
C PHE B 311 -10.12 -23.94 -24.12
N ALA B 312 -11.37 -24.29 -23.83
CA ALA B 312 -11.66 -25.45 -22.93
C ALA B 312 -11.30 -26.79 -23.63
N GLY B 313 -10.98 -27.82 -22.81
CA GLY B 313 -10.75 -29.17 -23.36
C GLY B 313 -9.40 -29.68 -22.88
N PRO B 314 -8.30 -29.02 -23.27
CA PRO B 314 -6.98 -29.46 -22.74
C PRO B 314 -6.95 -29.37 -21.22
N PRO B 315 -6.10 -30.19 -20.57
CA PRO B 315 -6.03 -30.24 -19.07
C PRO B 315 -5.56 -28.91 -18.46
N ASN B 316 -4.84 -28.09 -19.22
CA ASN B 316 -4.37 -26.84 -18.61
C ASN B 316 -5.47 -25.76 -18.65
N TYR B 317 -6.64 -26.05 -19.18
CA TYR B 317 -7.78 -25.05 -19.14
C TYR B 317 -7.99 -24.75 -17.63
N PRO B 318 -7.85 -23.49 -17.25
CA PRO B 318 -7.63 -23.24 -15.84
C PRO B 318 -8.90 -23.12 -14.99
N PHE B 319 -10.08 -22.94 -15.63
CA PHE B 319 -11.26 -22.48 -14.83
C PHE B 319 -12.21 -23.61 -14.41
N SER B 320 -11.85 -24.86 -14.65
CA SER B 320 -12.74 -25.94 -14.18
C SER B 320 -12.55 -26.26 -12.76
N ASP B 321 -11.29 -26.17 -12.30
CA ASP B 321 -10.98 -26.43 -10.91
C ASP B 321 -11.70 -25.44 -9.95
N GLU B 322 -11.86 -25.86 -8.69
CA GLU B 322 -12.48 -24.98 -7.69
C GLU B 322 -11.72 -23.64 -7.59
N TYR B 323 -10.39 -23.67 -7.57
CA TYR B 323 -9.60 -22.43 -7.67
C TYR B 323 -8.22 -22.90 -8.16
#